data_2ERQ
#
_entry.id   2ERQ
#
_cell.length_a   93.940
_cell.length_b   93.940
_cell.length_c   244.820
_cell.angle_alpha   90.00
_cell.angle_beta   90.00
_cell.angle_gamma   90.00
#
_symmetry.space_group_name_H-M   'P 41 21 2'
#
loop_
_entity.id
_entity.type
_entity.pdbx_description
1 polymer 'vascular apoptosis-inducing protein 1'
2 branched 2-acetamido-2-deoxy-beta-D-glucopyranose-(1-4)-2-acetamido-2-deoxy-beta-D-glucopyranose
3 non-polymer 'ZINC ION'
4 non-polymer 'CALCIUM ION'
5 non-polymer 2-acetamido-2-deoxy-beta-D-glucopyranose
6 water water
#
_entity_poly.entity_id   1
_entity_poly.type   'polypeptide(L)'
_entity_poly.pdbx_seq_one_letter_code
;QSNLTPEQQRYLNAKKYVKLFLVADYIMYLKYGRNLTAVRTRMYDIVNVITPIYHRMNIHVALVGLEIWSNTDKIIVQSS
ADVTLDLFAKWRATDLLSRKSHDNAQLLTGINFNGPTAGLGYLGGICNTMYSAGIVQDHSKIHHLVAIAMAHEMGHNLGM
DHDKDTCTCGTRPCVMAGALSCEASFLFSDCSQKDHREFLIKNMPQCILKKPLKTDVVSPAVCGNYFVEVGEECDCGSPR
TCRDPCCDATTCKLRQGAQCAEGLCCDQCRFKGAGTECRAAKDECDMADVCTGRSAECTDRFQRNGQPCKNNNGYCYNGK
CPIMADQCIALFGPGATVSQDACFQFNREGNHYGYCRKEQNTKIACEPQDVKCGRLYCFPNSPENKNPCNIYYSPNDEDK
GMVLPGTKCADRKACSNGQCVDVTTPY
;
_entity_poly.pdbx_strand_id   A,B
#
# COMPACT_ATOMS: atom_id res chain seq x y z
N SER A 2 7.62 -40.91 -18.29
CA SER A 2 6.94 -41.83 -17.31
C SER A 2 7.94 -42.51 -16.38
N ASN A 3 9.12 -42.81 -16.91
CA ASN A 3 10.18 -43.43 -16.13
C ASN A 3 10.95 -42.29 -15.47
N LEU A 4 11.89 -42.62 -14.60
CA LEU A 4 12.65 -41.61 -13.90
C LEU A 4 14.11 -42.04 -13.81
N THR A 5 15.00 -41.28 -14.42
CA THR A 5 16.41 -41.62 -14.38
C THR A 5 16.96 -41.49 -12.98
N PRO A 6 18.18 -42.02 -12.77
CA PRO A 6 18.85 -41.97 -11.47
C PRO A 6 19.27 -40.55 -11.08
N GLU A 7 19.83 -39.81 -12.02
CA GLU A 7 20.26 -38.44 -11.70
C GLU A 7 19.04 -37.58 -11.40
N GLN A 8 17.91 -37.92 -12.00
CA GLN A 8 16.69 -37.17 -11.75
C GLN A 8 16.31 -37.39 -10.30
N GLN A 9 16.24 -38.66 -9.90
CA GLN A 9 15.86 -38.96 -8.53
C GLN A 9 16.81 -38.30 -7.55
N ARG A 10 18.11 -38.34 -7.85
CA ARG A 10 19.09 -37.73 -6.97
C ARG A 10 18.83 -36.23 -6.83
N TYR A 11 18.55 -35.59 -7.97
CA TYR A 11 18.29 -34.16 -7.97
C TYR A 11 17.07 -33.87 -7.09
N LEU A 12 16.00 -34.61 -7.33
CA LEU A 12 14.77 -34.42 -6.58
C LEU A 12 14.97 -34.55 -5.09
N ASN A 13 15.89 -35.40 -4.69
CA ASN A 13 16.11 -35.62 -3.27
C ASN A 13 16.96 -34.57 -2.59
N ALA A 14 17.88 -33.97 -3.33
CA ALA A 14 18.75 -32.97 -2.72
C ALA A 14 17.95 -31.85 -2.12
N LYS A 15 18.44 -31.35 -1.00
CA LYS A 15 17.78 -30.24 -0.34
C LYS A 15 17.92 -29.09 -1.34
N LYS A 16 16.92 -28.21 -1.38
CA LYS A 16 16.95 -27.08 -2.28
C LYS A 16 17.03 -25.80 -1.48
N TYR A 17 17.68 -24.79 -2.03
CA TYR A 17 17.78 -23.50 -1.37
C TYR A 17 17.60 -22.44 -2.43
N VAL A 18 16.94 -21.35 -2.06
CA VAL A 18 16.79 -20.25 -2.97
C VAL A 18 17.47 -19.13 -2.24
N LYS A 19 18.64 -18.76 -2.74
CA LYS A 19 19.42 -17.67 -2.18
C LYS A 19 18.78 -16.39 -2.78
N LEU A 20 17.96 -15.75 -1.97
CA LEU A 20 17.20 -14.58 -2.34
C LEU A 20 17.79 -13.21 -2.08
N PHE A 21 17.71 -12.34 -3.08
CA PHE A 21 18.16 -10.97 -2.89
C PHE A 21 16.89 -10.11 -2.98
N LEU A 22 16.69 -9.22 -2.02
CA LEU A 22 15.51 -8.36 -2.04
C LEU A 22 15.88 -6.90 -2.21
N VAL A 23 15.10 -6.20 -3.01
CA VAL A 23 15.32 -4.79 -3.24
C VAL A 23 14.02 -4.05 -2.91
N ALA A 24 14.13 -2.99 -2.15
CA ALA A 24 12.94 -2.22 -1.82
C ALA A 24 13.18 -0.89 -2.51
N ASP A 25 12.12 -0.31 -3.11
CA ASP A 25 12.31 0.92 -3.84
C ASP A 25 12.16 2.20 -3.04
N TYR A 26 12.26 3.32 -3.76
CA TYR A 26 12.16 4.62 -3.12
C TYR A 26 10.81 4.88 -2.47
N ILE A 27 9.75 4.41 -3.08
CA ILE A 27 8.43 4.62 -2.50
C ILE A 27 8.36 3.85 -1.17
N MET A 28 8.91 2.63 -1.13
CA MET A 28 8.93 1.85 0.10
C MET A 28 9.59 2.70 1.18
N TYR A 29 10.75 3.25 0.83
CA TYR A 29 11.50 4.07 1.75
C TYR A 29 10.65 5.20 2.32
N LEU A 30 9.87 5.89 1.47
CA LEU A 30 9.00 6.99 1.93
C LEU A 30 7.81 6.46 2.71
N LYS A 31 7.21 5.40 2.19
CA LYS A 31 6.06 4.75 2.78
C LYS A 31 6.27 4.37 4.25
N TYR A 32 7.47 3.87 4.56
CA TYR A 32 7.75 3.52 5.95
C TYR A 32 8.52 4.62 6.68
N GLY A 33 8.10 5.86 6.45
CA GLY A 33 8.67 7.02 7.12
C GLY A 33 10.14 7.35 6.98
N ARG A 34 10.75 7.01 5.85
CA ARG A 34 12.17 7.28 5.59
C ARG A 34 13.01 6.69 6.71
N ASN A 35 12.60 5.52 7.16
CA ASN A 35 13.26 4.83 8.24
C ASN A 35 13.77 3.49 7.72
N LEU A 36 15.08 3.40 7.56
CA LEU A 36 15.71 2.20 7.05
C LEU A 36 15.43 0.95 7.88
N THR A 37 15.35 1.12 9.19
CA THR A 37 15.10 -0.02 10.06
C THR A 37 13.69 -0.57 9.86
N ALA A 38 12.72 0.33 9.74
CA ALA A 38 11.34 -0.09 9.53
C ALA A 38 11.19 -0.80 8.19
N VAL A 39 11.94 -0.36 7.18
CA VAL A 39 11.89 -1.00 5.87
C VAL A 39 12.51 -2.39 5.93
N ARG A 40 13.66 -2.53 6.59
CA ARG A 40 14.31 -3.84 6.71
C ARG A 40 13.45 -4.82 7.52
N THR A 41 12.90 -4.32 8.60
CA THR A 41 12.05 -5.12 9.47
C THR A 41 10.89 -5.67 8.65
N ARG A 42 10.29 -4.82 7.82
CA ARG A 42 9.19 -5.23 6.97
C ARG A 42 9.62 -6.39 6.04
N MET A 43 10.79 -6.26 5.43
CA MET A 43 11.28 -7.30 4.55
C MET A 43 11.61 -8.60 5.32
N TYR A 44 12.12 -8.47 6.55
CA TYR A 44 12.44 -9.66 7.34
C TYR A 44 11.11 -10.34 7.66
N ASP A 45 10.12 -9.54 8.05
CA ASP A 45 8.79 -10.06 8.38
C ASP A 45 8.27 -10.88 7.20
N ILE A 46 8.36 -10.29 6.02
CA ILE A 46 7.90 -10.97 4.83
C ILE A 46 8.65 -12.29 4.65
N VAL A 47 9.97 -12.25 4.70
CA VAL A 47 10.74 -13.46 4.53
C VAL A 47 10.41 -14.50 5.60
N ASN A 48 10.13 -14.03 6.81
CA ASN A 48 9.78 -14.96 7.89
C ASN A 48 8.50 -15.72 7.56
N VAL A 49 7.71 -15.19 6.62
CA VAL A 49 6.48 -15.86 6.20
C VAL A 49 6.69 -16.73 4.97
N ILE A 50 7.57 -16.28 4.07
CA ILE A 50 7.87 -17.01 2.84
C ILE A 50 8.57 -18.35 3.09
N THR A 51 9.49 -18.33 4.05
CA THR A 51 10.26 -19.51 4.40
C THR A 51 9.39 -20.71 4.78
N PRO A 52 8.44 -20.53 5.70
CA PRO A 52 7.62 -21.70 6.02
C PRO A 52 6.76 -22.13 4.85
N ILE A 53 6.39 -21.20 3.98
CA ILE A 53 5.60 -21.56 2.80
C ILE A 53 6.39 -22.50 1.89
N TYR A 54 7.68 -22.24 1.73
CA TYR A 54 8.49 -23.07 0.85
C TYR A 54 9.08 -24.32 1.45
N HIS A 55 9.10 -24.40 2.78
CA HIS A 55 9.62 -25.62 3.38
C HIS A 55 8.74 -26.78 2.96
N ARG A 56 7.44 -26.53 2.79
CA ARG A 56 6.52 -27.57 2.34
C ARG A 56 6.84 -28.01 0.92
N MET A 57 7.78 -27.32 0.27
CA MET A 57 8.18 -27.65 -1.09
C MET A 57 9.63 -28.08 -1.15
N ASN A 58 10.18 -28.55 -0.03
CA ASN A 58 11.56 -29.01 -0.01
C ASN A 58 12.53 -27.90 -0.38
N ILE A 59 12.16 -26.67 -0.08
CA ILE A 59 13.01 -25.54 -0.37
C ILE A 59 13.22 -24.63 0.83
N HIS A 60 14.47 -24.24 1.07
CA HIS A 60 14.69 -23.29 2.15
C HIS A 60 15.07 -21.93 1.51
N VAL A 61 14.22 -20.94 1.72
CA VAL A 61 14.48 -19.62 1.19
C VAL A 61 15.39 -18.89 2.15
N ALA A 62 16.54 -18.45 1.63
CA ALA A 62 17.52 -17.75 2.44
C ALA A 62 17.87 -16.36 1.88
N LEU A 63 17.62 -15.34 2.70
CA LEU A 63 17.92 -13.97 2.33
C LEU A 63 19.41 -13.72 2.41
N VAL A 64 20.10 -13.72 1.26
CA VAL A 64 21.55 -13.48 1.25
C VAL A 64 21.88 -12.05 0.85
N GLY A 65 20.87 -11.21 0.68
CA GLY A 65 21.13 -9.84 0.29
C GLY A 65 19.88 -9.01 0.30
N LEU A 66 20.05 -7.71 0.53
CA LEU A 66 18.95 -6.78 0.61
C LEU A 66 19.48 -5.39 0.27
N GLU A 67 18.71 -4.65 -0.50
CA GLU A 67 19.13 -3.32 -0.90
C GLU A 67 17.93 -2.39 -0.88
N ILE A 68 18.08 -1.22 -0.28
CA ILE A 68 16.99 -0.27 -0.22
C ILE A 68 17.40 0.96 -1.03
N TRP A 69 16.70 1.21 -2.14
CA TRP A 69 17.01 2.38 -2.95
C TRP A 69 16.46 3.61 -2.24
N SER A 70 17.15 4.03 -1.18
CA SER A 70 16.71 5.18 -0.40
C SER A 70 17.07 6.56 -0.96
N ASN A 71 17.98 6.64 -1.93
CA ASN A 71 18.30 7.95 -2.47
C ASN A 71 17.58 8.16 -3.79
N THR A 72 17.72 7.18 -4.68
CA THR A 72 17.07 7.23 -5.98
C THR A 72 16.89 5.79 -6.47
N ASP A 73 15.92 5.53 -7.32
CA ASP A 73 15.71 4.19 -7.88
C ASP A 73 16.79 3.91 -8.93
N LYS A 74 17.29 2.67 -9.02
CA LYS A 74 18.33 2.34 -10.01
C LYS A 74 17.75 2.07 -11.41
N ILE A 75 16.44 1.88 -11.47
CA ILE A 75 15.72 1.69 -12.72
C ILE A 75 14.53 2.61 -12.53
N ILE A 76 13.77 2.84 -13.58
CA ILE A 76 12.59 3.68 -13.45
C ILE A 76 11.40 2.75 -13.12
N VAL A 77 11.04 2.69 -11.84
CA VAL A 77 9.93 1.86 -11.41
C VAL A 77 8.65 2.54 -11.91
N GLN A 78 7.89 1.85 -12.75
CA GLN A 78 6.66 2.41 -13.32
C GLN A 78 5.42 1.57 -13.04
N SER A 79 4.25 2.17 -13.26
CA SER A 79 2.99 1.49 -12.99
C SER A 79 2.75 0.28 -13.87
N SER A 80 3.46 0.19 -14.99
CA SER A 80 3.30 -0.97 -15.83
C SER A 80 4.23 -2.06 -15.27
N ALA A 81 3.65 -3.14 -14.78
CA ALA A 81 4.43 -4.24 -14.22
C ALA A 81 5.38 -4.85 -15.27
N ASP A 82 4.92 -4.92 -16.52
CA ASP A 82 5.73 -5.47 -17.61
C ASP A 82 7.03 -4.72 -17.82
N VAL A 83 6.95 -3.40 -17.95
CA VAL A 83 8.16 -2.61 -18.14
C VAL A 83 9.06 -2.82 -16.91
N THR A 84 8.51 -2.51 -15.73
CA THR A 84 9.28 -2.62 -14.50
C THR A 84 10.01 -3.94 -14.36
N LEU A 85 9.31 -5.04 -14.61
CA LEU A 85 9.94 -6.34 -14.47
C LEU A 85 11.15 -6.42 -15.35
N ASP A 86 10.96 -6.06 -16.62
CA ASP A 86 11.99 -6.09 -17.64
C ASP A 86 13.17 -5.22 -17.25
N LEU A 87 12.90 -3.99 -16.79
CA LEU A 87 13.97 -3.11 -16.35
C LEU A 87 14.67 -3.72 -15.12
N PHE A 88 13.90 -4.31 -14.21
CA PHE A 88 14.45 -4.92 -12.99
C PHE A 88 15.35 -6.12 -13.30
N ALA A 89 14.88 -7.04 -14.14
CA ALA A 89 15.68 -8.23 -14.49
C ALA A 89 16.95 -7.81 -15.20
N LYS A 90 16.86 -6.79 -16.04
CA LYS A 90 18.04 -6.32 -16.76
C LYS A 90 19.04 -5.68 -15.82
N TRP A 91 18.55 -4.96 -14.82
CA TRP A 91 19.44 -4.34 -13.87
C TRP A 91 20.04 -5.42 -12.96
N ARG A 92 19.29 -6.47 -12.72
CA ARG A 92 19.82 -7.54 -11.89
C ARG A 92 21.00 -8.16 -12.61
N ALA A 93 20.82 -8.39 -13.90
CA ALA A 93 21.83 -9.03 -14.74
C ALA A 93 23.10 -8.24 -14.94
N THR A 94 22.97 -6.97 -15.29
CA THR A 94 24.14 -6.16 -15.54
C THR A 94 24.77 -5.58 -14.29
N ASP A 95 23.95 -5.17 -13.33
CA ASP A 95 24.50 -4.56 -12.12
C ASP A 95 24.66 -5.43 -10.89
N LEU A 96 23.57 -6.01 -10.40
CA LEU A 96 23.63 -6.82 -9.18
C LEU A 96 24.43 -8.12 -9.26
N LEU A 97 24.22 -8.94 -10.28
CA LEU A 97 24.94 -10.20 -10.38
C LEU A 97 26.47 -10.06 -10.39
N SER A 98 26.95 -8.86 -10.69
CA SER A 98 28.39 -8.59 -10.73
C SER A 98 28.87 -8.13 -9.37
N ARG A 99 27.94 -7.98 -8.44
CA ARG A 99 28.25 -7.50 -7.09
C ARG A 99 27.98 -8.54 -5.99
N LYS A 100 27.02 -9.42 -6.22
CA LYS A 100 26.68 -10.46 -5.25
C LYS A 100 26.00 -11.62 -5.96
N SER A 101 26.55 -12.81 -5.75
CA SER A 101 26.00 -13.98 -6.35
C SER A 101 24.69 -14.24 -5.60
N HIS A 102 23.71 -14.78 -6.32
CA HIS A 102 22.43 -15.13 -5.73
C HIS A 102 21.57 -15.83 -6.79
N ASP A 103 20.57 -16.56 -6.33
CA ASP A 103 19.69 -17.31 -7.22
C ASP A 103 18.50 -16.57 -7.78
N ASN A 104 17.95 -15.66 -7.00
CA ASN A 104 16.74 -14.98 -7.38
C ASN A 104 16.62 -13.66 -6.64
N ALA A 105 16.05 -12.68 -7.34
CA ALA A 105 15.85 -11.38 -6.75
C ALA A 105 14.41 -10.98 -7.01
N GLN A 106 13.85 -10.29 -6.04
CA GLN A 106 12.50 -9.82 -6.12
C GLN A 106 12.54 -8.33 -5.76
N LEU A 107 11.78 -7.53 -6.50
CA LEU A 107 11.69 -6.11 -6.23
C LEU A 107 10.39 -5.91 -5.45
N LEU A 108 10.50 -5.22 -4.32
CA LEU A 108 9.34 -4.97 -3.50
C LEU A 108 9.10 -3.46 -3.58
N THR A 109 8.09 -3.09 -4.37
CA THR A 109 7.77 -1.67 -4.55
C THR A 109 6.47 -1.24 -3.89
N GLY A 110 6.43 0.02 -3.50
CA GLY A 110 5.25 0.60 -2.89
C GLY A 110 4.42 1.24 -3.98
N ILE A 111 4.85 1.10 -5.23
CA ILE A 111 4.09 1.65 -6.34
C ILE A 111 2.87 0.75 -6.62
N ASN A 112 1.86 1.29 -7.27
CA ASN A 112 0.67 0.51 -7.63
C ASN A 112 0.78 0.10 -9.08
N PHE A 113 0.66 -1.20 -9.37
CA PHE A 113 0.73 -1.61 -10.77
C PHE A 113 -0.61 -1.42 -11.45
N ASN A 114 -0.56 -1.06 -12.74
CA ASN A 114 -1.78 -0.86 -13.51
C ASN A 114 -2.62 -2.14 -13.46
N GLY A 115 -3.92 -1.97 -13.22
CA GLY A 115 -4.78 -3.12 -13.17
C GLY A 115 -4.86 -3.82 -11.83
N PRO A 116 -5.50 -4.97 -11.78
CA PRO A 116 -5.63 -5.70 -10.53
C PRO A 116 -4.38 -6.47 -10.08
N THR A 117 -3.42 -6.63 -10.96
CA THR A 117 -2.21 -7.36 -10.60
C THR A 117 -1.37 -6.68 -9.51
N ALA A 118 -0.63 -7.47 -8.76
CA ALA A 118 0.19 -6.96 -7.68
C ALA A 118 1.59 -7.56 -7.75
N GLY A 119 1.98 -8.00 -8.93
CA GLY A 119 3.30 -8.60 -9.07
C GLY A 119 3.40 -9.25 -10.43
N LEU A 120 4.62 -9.59 -10.83
CA LEU A 120 4.87 -10.20 -12.12
C LEU A 120 6.24 -10.82 -11.99
N GLY A 121 6.47 -11.95 -12.66
CA GLY A 121 7.77 -12.62 -12.61
C GLY A 121 7.97 -13.59 -13.77
N TYR A 122 9.21 -13.88 -14.15
CA TYR A 122 9.44 -14.79 -15.28
C TYR A 122 9.15 -16.25 -14.98
N LEU A 123 8.27 -16.84 -15.79
CA LEU A 123 7.91 -18.24 -15.65
C LEU A 123 9.12 -19.12 -15.88
N GLY A 124 9.45 -19.96 -14.89
CA GLY A 124 10.58 -20.86 -14.99
C GLY A 124 11.93 -20.20 -15.13
N GLY A 125 12.07 -18.98 -14.64
CA GLY A 125 13.34 -18.31 -14.77
C GLY A 125 14.33 -18.60 -13.67
N ILE A 126 13.96 -19.45 -12.70
CA ILE A 126 14.86 -19.72 -11.59
C ILE A 126 16.30 -20.02 -12.02
N CYS A 127 17.24 -19.32 -11.39
CA CYS A 127 18.68 -19.47 -11.64
C CYS A 127 19.19 -18.79 -12.92
N ASN A 128 18.28 -18.44 -13.81
CA ASN A 128 18.66 -17.78 -15.05
C ASN A 128 19.19 -16.38 -14.77
N THR A 129 20.39 -16.08 -15.28
CA THR A 129 21.01 -14.77 -15.04
C THR A 129 20.27 -13.58 -15.65
N MET A 130 19.33 -13.87 -16.53
CA MET A 130 18.51 -12.83 -17.14
C MET A 130 17.06 -12.84 -16.67
N TYR A 131 16.56 -14.03 -16.31
CA TYR A 131 15.17 -14.15 -15.91
C TYR A 131 14.78 -14.54 -14.48
N SER A 132 15.73 -14.83 -13.61
CA SER A 132 15.36 -15.22 -12.24
C SER A 132 15.01 -13.97 -11.45
N ALA A 133 13.84 -13.41 -11.72
CA ALA A 133 13.40 -12.21 -11.06
C ALA A 133 11.90 -12.12 -11.00
N GLY A 134 11.44 -11.31 -10.06
CA GLY A 134 10.02 -11.06 -9.89
C GLY A 134 9.90 -9.68 -9.29
N ILE A 135 8.70 -9.10 -9.35
CA ILE A 135 8.45 -7.79 -8.75
C ILE A 135 7.14 -7.93 -8.02
N VAL A 136 7.00 -7.22 -6.91
CA VAL A 136 5.84 -7.35 -6.06
C VAL A 136 5.44 -6.05 -5.46
N GLN A 137 4.14 -5.83 -5.40
CA GLN A 137 3.59 -4.62 -4.81
C GLN A 137 3.39 -4.83 -3.29
N ASP A 138 3.85 -3.89 -2.48
CA ASP A 138 3.64 -3.95 -1.02
C ASP A 138 2.18 -3.52 -1.00
N HIS A 139 1.33 -4.39 -1.55
CA HIS A 139 -0.08 -4.13 -1.75
C HIS A 139 -1.03 -4.16 -0.56
N SER A 140 -0.56 -4.61 0.60
CA SER A 140 -1.44 -4.64 1.75
C SER A 140 -0.70 -4.34 3.04
N LYS A 141 -1.38 -3.74 3.99
CA LYS A 141 -0.73 -3.45 5.25
C LYS A 141 -0.34 -4.79 5.88
N ILE A 142 -1.17 -5.81 5.68
CA ILE A 142 -0.89 -7.14 6.23
C ILE A 142 0.26 -7.76 5.49
N HIS A 143 1.42 -7.78 6.13
CA HIS A 143 2.61 -8.31 5.49
C HIS A 143 2.58 -9.77 5.04
N HIS A 144 1.86 -10.63 5.75
CA HIS A 144 1.82 -12.03 5.33
C HIS A 144 1.10 -12.18 3.97
N LEU A 145 0.29 -11.19 3.61
CA LEU A 145 -0.39 -11.23 2.32
C LEU A 145 0.61 -10.79 1.25
N VAL A 146 1.47 -9.84 1.59
CA VAL A 146 2.47 -9.41 0.65
C VAL A 146 3.45 -10.58 0.47
N ALA A 147 3.73 -11.30 1.56
CA ALA A 147 4.63 -12.44 1.48
C ALA A 147 4.06 -13.48 0.53
N ILE A 148 2.74 -13.68 0.59
CA ILE A 148 2.10 -14.64 -0.27
C ILE A 148 2.22 -14.17 -1.71
N ALA A 149 2.07 -12.86 -1.91
CA ALA A 149 2.18 -12.34 -3.25
C ALA A 149 3.60 -12.63 -3.77
N MET A 150 4.61 -12.45 -2.91
CA MET A 150 6.00 -12.71 -3.30
C MET A 150 6.26 -14.20 -3.55
N ALA A 151 5.68 -15.08 -2.73
CA ALA A 151 5.87 -16.52 -2.93
C ALA A 151 5.21 -16.95 -4.24
N HIS A 152 4.18 -16.21 -4.66
CA HIS A 152 3.47 -16.47 -5.92
C HIS A 152 4.42 -16.19 -7.09
N GLU A 153 5.08 -15.03 -7.06
CA GLU A 153 6.01 -14.71 -8.15
C GLU A 153 7.21 -15.64 -8.13
N MET A 154 7.72 -15.93 -6.94
CA MET A 154 8.85 -16.87 -6.90
C MET A 154 8.31 -18.19 -7.45
N GLY A 155 7.05 -18.46 -7.15
CA GLY A 155 6.40 -19.67 -7.61
C GLY A 155 6.49 -19.80 -9.12
N HIS A 156 6.19 -18.70 -9.82
CA HIS A 156 6.26 -18.66 -11.25
C HIS A 156 7.70 -18.91 -11.67
N ASN A 157 8.66 -18.28 -10.97
CA ASN A 157 10.08 -18.46 -11.31
C ASN A 157 10.45 -19.93 -11.23
N LEU A 158 9.81 -20.64 -10.28
CA LEU A 158 10.04 -22.05 -10.02
C LEU A 158 9.16 -22.94 -10.88
N GLY A 159 8.71 -22.41 -12.01
CA GLY A 159 7.91 -23.18 -12.95
C GLY A 159 6.43 -23.45 -12.71
N MET A 160 5.80 -22.80 -11.73
CA MET A 160 4.38 -23.05 -11.47
C MET A 160 3.52 -22.06 -12.22
N ASP A 161 2.31 -22.49 -12.56
CA ASP A 161 1.36 -21.64 -13.27
C ASP A 161 0.21 -21.34 -12.32
N HIS A 162 -0.73 -20.55 -12.80
CA HIS A 162 -1.89 -20.21 -12.00
C HIS A 162 -2.79 -21.42 -11.84
N ASP A 163 -3.41 -21.53 -10.67
CA ASP A 163 -4.33 -22.64 -10.40
C ASP A 163 -5.61 -22.56 -11.24
N LYS A 164 -5.95 -23.67 -11.87
CA LYS A 164 -7.17 -23.76 -12.66
C LYS A 164 -8.25 -24.02 -11.61
N ASP A 165 -9.50 -23.71 -11.96
CA ASP A 165 -10.64 -23.89 -11.05
C ASP A 165 -10.78 -25.28 -10.42
N THR A 166 -10.09 -26.27 -10.97
CA THR A 166 -10.14 -27.64 -10.45
C THR A 166 -9.03 -27.96 -9.47
N CYS A 167 -8.10 -27.02 -9.32
CA CYS A 167 -6.97 -27.19 -8.42
C CYS A 167 -7.29 -26.80 -6.99
N THR A 168 -6.89 -27.63 -6.04
CA THR A 168 -7.16 -27.34 -4.64
C THR A 168 -5.99 -27.69 -3.71
N CYS A 169 -6.03 -27.14 -2.51
CA CYS A 169 -5.03 -27.39 -1.47
C CYS A 169 -5.85 -27.40 -0.19
N GLY A 170 -7.17 -27.38 -0.37
CA GLY A 170 -8.08 -27.39 0.76
C GLY A 170 -9.21 -26.39 0.59
N THR A 171 -9.61 -25.78 1.70
CA THR A 171 -10.68 -24.79 1.73
C THR A 171 -10.29 -23.44 1.14
N ARG A 172 -9.27 -22.82 1.74
CA ARG A 172 -8.78 -21.52 1.31
C ARG A 172 -8.14 -21.59 -0.07
N PRO A 173 -7.98 -20.44 -0.73
CA PRO A 173 -7.36 -20.44 -2.06
C PRO A 173 -5.85 -20.65 -1.90
N CYS A 174 -5.19 -21.11 -2.96
CA CYS A 174 -3.75 -21.39 -2.85
C CYS A 174 -2.82 -20.30 -3.38
N VAL A 175 -1.55 -20.40 -2.98
CA VAL A 175 -0.50 -19.47 -3.36
C VAL A 175 -0.55 -19.06 -4.82
N MET A 176 -0.73 -20.04 -5.70
CA MET A 176 -0.78 -19.78 -7.13
C MET A 176 -2.17 -19.40 -7.66
N ALA A 177 -3.06 -19.02 -6.75
CA ALA A 177 -4.38 -18.53 -7.18
C ALA A 177 -4.03 -17.38 -8.12
N GLY A 178 -4.72 -17.31 -9.26
CA GLY A 178 -4.40 -16.28 -10.24
C GLY A 178 -4.89 -14.89 -9.93
N ALA A 179 -5.66 -14.73 -8.87
CA ALA A 179 -6.18 -13.40 -8.56
C ALA A 179 -5.89 -12.94 -7.15
N LEU A 180 -5.49 -11.69 -7.03
CA LEU A 180 -5.18 -11.10 -5.74
C LEU A 180 -6.42 -11.20 -4.85
N SER A 181 -6.30 -11.91 -3.74
CA SER A 181 -7.41 -12.07 -2.79
C SER A 181 -6.89 -12.03 -1.37
N CYS A 182 -7.80 -11.90 -0.41
CA CYS A 182 -7.38 -11.83 0.97
C CYS A 182 -7.58 -13.07 1.83
N GLU A 183 -8.37 -14.04 1.33
CA GLU A 183 -8.56 -15.27 2.07
C GLU A 183 -7.34 -16.15 1.84
N ALA A 184 -6.45 -15.68 0.97
CA ALA A 184 -5.22 -16.37 0.58
C ALA A 184 -4.52 -17.19 1.68
N SER A 185 -4.31 -18.47 1.38
CA SER A 185 -3.64 -19.40 2.30
C SER A 185 -2.14 -19.50 1.96
N PHE A 186 -1.41 -20.24 2.78
CA PHE A 186 0.03 -20.41 2.62
C PHE A 186 0.41 -21.71 1.93
N LEU A 187 -0.57 -22.43 1.38
CA LEU A 187 -0.30 -23.70 0.74
C LEU A 187 -0.35 -23.75 -0.76
N PHE A 188 0.46 -24.63 -1.35
CA PHE A 188 0.49 -24.82 -2.79
C PHE A 188 -0.52 -25.90 -3.15
N SER A 189 -1.26 -25.68 -4.23
CA SER A 189 -2.25 -26.66 -4.66
C SER A 189 -1.55 -27.82 -5.32
N ASP A 190 -2.22 -28.97 -5.35
CA ASP A 190 -1.66 -30.16 -5.97
C ASP A 190 -1.18 -29.84 -7.37
N CYS A 191 -1.93 -29.04 -8.12
CA CYS A 191 -1.51 -28.69 -9.47
C CYS A 191 -0.15 -27.98 -9.46
N SER A 192 0.06 -27.14 -8.45
CA SER A 192 1.31 -26.44 -8.33
C SER A 192 2.43 -27.44 -8.04
N GLN A 193 2.18 -28.32 -7.06
CA GLN A 193 3.14 -29.33 -6.70
C GLN A 193 3.46 -30.20 -7.90
N LYS A 194 2.45 -30.49 -8.72
CA LYS A 194 2.70 -31.31 -9.89
C LYS A 194 3.55 -30.57 -10.91
N ASP A 195 3.12 -29.36 -11.26
CA ASP A 195 3.87 -28.59 -12.23
C ASP A 195 5.30 -28.32 -11.77
N HIS A 196 5.48 -28.12 -10.47
CA HIS A 196 6.81 -27.86 -9.94
C HIS A 196 7.76 -29.06 -10.11
N ARG A 197 7.26 -30.25 -9.80
CA ARG A 197 8.04 -31.49 -9.92
C ARG A 197 8.49 -31.66 -11.36
N GLU A 198 7.54 -31.59 -12.28
CA GLU A 198 7.85 -31.76 -13.69
C GLU A 198 8.89 -30.73 -14.10
N PHE A 199 8.70 -29.49 -13.68
CA PHE A 199 9.65 -28.43 -14.00
C PHE A 199 11.06 -28.83 -13.57
N LEU A 200 11.19 -29.33 -12.34
CA LEU A 200 12.48 -29.73 -11.78
C LEU A 200 13.13 -30.90 -12.53
N ILE A 201 12.33 -31.92 -12.80
CA ILE A 201 12.80 -33.10 -13.49
C ILE A 201 13.34 -32.70 -14.85
N LYS A 202 12.57 -31.90 -15.56
CA LYS A 202 12.91 -31.46 -16.90
C LYS A 202 14.08 -30.49 -17.05
N ASN A 203 14.32 -29.64 -16.05
CA ASN A 203 15.38 -28.65 -16.17
C ASN A 203 16.51 -28.77 -15.17
N MET A 204 16.24 -29.46 -14.07
CA MET A 204 17.20 -29.64 -13.00
C MET A 204 18.06 -28.40 -12.76
N PRO A 205 17.44 -27.27 -12.41
CA PRO A 205 18.22 -26.05 -12.17
C PRO A 205 19.22 -26.29 -11.03
N GLN A 206 20.48 -26.18 -11.37
CA GLN A 206 21.59 -26.42 -10.48
C GLN A 206 21.86 -25.43 -9.36
N CYS A 207 21.51 -24.17 -9.54
CA CYS A 207 21.84 -23.21 -8.50
C CYS A 207 21.16 -23.40 -7.14
N ILE A 208 19.96 -23.98 -7.13
CA ILE A 208 19.26 -24.19 -5.86
C ILE A 208 19.74 -25.42 -5.07
N LEU A 209 20.80 -26.06 -5.58
CA LEU A 209 21.35 -27.20 -4.88
C LEU A 209 22.44 -26.70 -3.95
N LYS A 210 22.93 -25.49 -4.18
CA LYS A 210 24.00 -24.96 -3.37
C LYS A 210 23.53 -24.27 -2.09
N LYS A 211 23.97 -24.81 -0.96
CA LYS A 211 23.60 -24.27 0.33
C LYS A 211 24.38 -23.00 0.60
N PRO A 212 23.70 -21.95 1.09
CA PRO A 212 24.43 -20.71 1.36
C PRO A 212 25.17 -20.85 2.69
N LEU A 213 26.26 -20.11 2.86
CA LEU A 213 26.99 -20.16 4.12
C LEU A 213 26.16 -19.45 5.16
N LYS A 214 26.30 -19.86 6.42
CA LYS A 214 25.60 -19.21 7.50
C LYS A 214 25.91 -17.69 7.47
N THR A 215 27.12 -17.32 7.10
CA THR A 215 27.47 -15.91 7.07
C THR A 215 26.96 -15.15 5.85
N ASP A 216 26.36 -15.86 4.90
CA ASP A 216 25.81 -15.24 3.71
C ASP A 216 24.41 -14.72 3.99
N VAL A 217 23.76 -15.25 5.03
CA VAL A 217 22.41 -14.86 5.39
C VAL A 217 22.34 -13.56 6.17
N VAL A 218 21.70 -12.55 5.59
CA VAL A 218 21.58 -11.23 6.19
C VAL A 218 20.33 -10.96 7.00
N SER A 219 19.45 -11.94 7.11
CA SER A 219 18.21 -11.76 7.88
C SER A 219 18.43 -12.19 9.31
N PRO A 220 17.83 -11.49 10.28
CA PRO A 220 18.01 -11.88 11.68
C PRO A 220 17.71 -13.36 11.83
N ALA A 221 18.53 -14.06 12.60
CA ALA A 221 18.32 -15.49 12.80
C ALA A 221 16.95 -15.75 13.39
N VAL A 222 16.34 -16.84 12.96
CA VAL A 222 15.05 -17.23 13.46
C VAL A 222 15.18 -18.68 13.92
N CYS A 223 15.13 -18.90 15.24
CA CYS A 223 15.25 -20.24 15.78
C CYS A 223 13.97 -21.02 15.50
N GLY A 224 14.08 -22.09 14.72
CA GLY A 224 12.92 -22.88 14.37
C GLY A 224 12.54 -22.87 12.89
N ASN A 225 13.36 -22.26 12.03
CA ASN A 225 13.07 -22.24 10.60
C ASN A 225 13.83 -23.34 9.84
N TYR A 226 14.32 -24.33 10.57
CA TYR A 226 15.05 -25.45 9.99
C TYR A 226 16.35 -25.11 9.27
N PHE A 227 16.94 -23.95 9.57
CA PHE A 227 18.20 -23.58 8.94
C PHE A 227 19.13 -22.98 10.01
N VAL A 228 20.32 -23.56 10.15
CA VAL A 228 21.27 -23.10 11.15
C VAL A 228 21.95 -21.82 10.75
N GLU A 229 21.58 -20.75 11.46
CA GLU A 229 22.10 -19.42 11.18
C GLU A 229 23.10 -18.98 12.26
N VAL A 230 23.86 -17.93 11.98
CA VAL A 230 24.83 -17.41 12.93
C VAL A 230 24.19 -17.24 14.32
N GLY A 231 24.82 -17.81 15.34
CA GLY A 231 24.27 -17.72 16.68
C GLY A 231 23.47 -18.94 17.07
N GLU A 232 23.31 -19.88 16.14
CA GLU A 232 22.58 -21.12 16.35
C GLU A 232 23.57 -22.25 16.10
N GLU A 233 23.29 -23.42 16.68
CA GLU A 233 24.16 -24.60 16.50
C GLU A 233 23.37 -25.70 15.80
N CYS A 234 22.06 -25.57 15.82
CA CYS A 234 21.19 -26.56 15.22
C CYS A 234 19.80 -25.96 15.19
N ASP A 235 18.93 -26.52 14.36
CA ASP A 235 17.57 -26.01 14.25
C ASP A 235 16.75 -27.15 13.66
N CYS A 236 15.78 -27.62 14.42
CA CYS A 236 14.92 -28.73 14.02
C CYS A 236 13.45 -28.32 14.01
N GLY A 237 13.20 -27.03 13.85
CA GLY A 237 11.82 -26.57 13.84
C GLY A 237 11.30 -26.26 15.22
N SER A 238 9.98 -26.25 15.35
CA SER A 238 9.34 -25.95 16.63
C SER A 238 9.60 -27.03 17.68
N PRO A 239 9.56 -26.63 18.96
CA PRO A 239 9.80 -27.57 20.07
C PRO A 239 8.86 -28.77 19.97
N ARG A 240 7.57 -28.49 19.83
CA ARG A 240 6.56 -29.52 19.75
C ARG A 240 6.56 -30.38 18.47
N THR A 241 7.54 -30.17 17.59
CA THR A 241 7.59 -30.96 16.36
C THR A 241 8.99 -31.45 16.05
N CYS A 242 9.96 -30.95 16.81
CA CYS A 242 11.36 -31.32 16.66
C CYS A 242 11.60 -32.78 17.01
N ARG A 243 12.22 -33.53 16.11
CA ARG A 243 12.49 -34.92 16.39
C ARG A 243 14.00 -35.19 16.52
N ASP A 244 14.82 -34.21 16.18
CA ASP A 244 16.27 -34.36 16.30
C ASP A 244 16.56 -34.35 17.80
N PRO A 245 17.12 -35.44 18.32
CA PRO A 245 17.44 -35.55 19.74
C PRO A 245 18.70 -34.82 20.21
N CYS A 246 19.51 -34.34 19.26
CA CYS A 246 20.74 -33.63 19.61
C CYS A 246 20.51 -32.14 19.79
N CYS A 247 19.30 -31.70 19.52
CA CYS A 247 19.03 -30.27 19.57
C CYS A 247 17.95 -29.82 20.51
N ASP A 248 18.17 -28.67 21.12
CA ASP A 248 17.17 -28.10 22.01
C ASP A 248 16.36 -27.15 21.12
N ALA A 249 15.29 -27.69 20.54
CA ALA A 249 14.42 -26.94 19.64
C ALA A 249 13.94 -25.59 20.14
N THR A 250 14.28 -25.23 21.37
CA THR A 250 13.84 -23.96 21.93
C THR A 250 14.94 -22.90 21.94
N THR A 251 16.19 -23.35 21.98
CA THR A 251 17.31 -22.42 22.01
C THR A 251 18.19 -22.62 20.79
N CYS A 252 17.85 -23.60 19.96
CA CYS A 252 18.65 -23.88 18.78
C CYS A 252 20.11 -24.03 19.18
N LYS A 253 20.32 -24.71 20.31
CA LYS A 253 21.66 -24.98 20.85
C LYS A 253 21.78 -26.51 20.92
N LEU A 254 23.00 -27.04 20.73
CA LEU A 254 23.22 -28.48 20.80
C LEU A 254 22.89 -28.98 22.21
N ARG A 255 22.26 -30.16 22.33
CA ARG A 255 21.95 -30.67 23.66
C ARG A 255 23.22 -31.09 24.41
N GLN A 256 23.21 -30.82 25.71
CA GLN A 256 24.33 -31.19 26.58
C GLN A 256 24.74 -32.63 26.27
N GLY A 257 26.03 -32.84 25.99
CA GLY A 257 26.48 -34.18 25.70
C GLY A 257 26.53 -34.50 24.21
N ALA A 258 26.09 -33.55 23.39
CA ALA A 258 26.12 -33.73 21.94
C ALA A 258 27.21 -32.85 21.37
N GLN A 259 27.99 -33.43 20.46
CA GLN A 259 29.08 -32.69 19.82
C GLN A 259 28.61 -32.10 18.48
N CYS A 260 27.58 -32.71 17.91
CA CYS A 260 27.02 -32.28 16.62
C CYS A 260 25.60 -32.79 16.45
N ALA A 261 24.92 -32.29 15.43
CA ALA A 261 23.54 -32.71 15.16
C ALA A 261 23.37 -33.27 13.76
N GLU A 262 24.27 -32.88 12.86
CA GLU A 262 24.24 -33.32 11.45
C GLU A 262 25.64 -33.35 10.86
N GLY A 263 25.78 -34.08 9.75
CA GLY A 263 27.08 -34.17 9.08
C GLY A 263 27.46 -35.60 8.71
N LEU A 264 28.24 -35.76 7.64
CA LEU A 264 28.69 -37.06 7.22
C LEU A 264 29.56 -37.68 8.32
N CYS A 265 30.18 -36.81 9.12
CA CYS A 265 31.03 -37.26 10.20
C CYS A 265 30.40 -37.10 11.57
N CYS A 266 29.08 -37.16 11.64
CA CYS A 266 28.37 -37.05 12.90
C CYS A 266 27.51 -38.28 13.01
N ASP A 267 27.47 -38.87 14.21
CA ASP A 267 26.67 -40.05 14.43
C ASP A 267 26.12 -40.07 15.85
N GLN A 268 24.81 -40.11 15.95
CA GLN A 268 24.14 -40.12 17.25
C GLN A 268 24.64 -38.99 18.15
N CYS A 269 24.63 -37.78 17.61
CA CYS A 269 25.06 -36.61 18.36
C CYS A 269 26.54 -36.56 18.72
N ARG A 270 27.35 -37.46 18.17
CA ARG A 270 28.77 -37.46 18.48
C ARG A 270 29.61 -37.57 17.22
N PHE A 271 30.82 -37.01 17.25
CA PHE A 271 31.73 -37.07 16.11
C PHE A 271 32.07 -38.52 15.79
N LYS A 272 32.10 -38.88 14.51
CA LYS A 272 32.45 -40.24 14.12
C LYS A 272 33.91 -40.43 14.48
N GLY A 273 34.32 -41.67 14.67
CA GLY A 273 35.69 -41.95 15.01
C GLY A 273 36.67 -41.49 13.94
N ALA A 274 37.87 -41.10 14.33
CA ALA A 274 38.86 -40.66 13.37
C ALA A 274 39.06 -41.80 12.36
N GLY A 275 39.49 -41.45 11.16
CA GLY A 275 39.72 -42.46 10.14
C GLY A 275 38.49 -43.15 9.59
N THR A 276 37.33 -42.94 10.19
CA THR A 276 36.10 -43.56 9.69
C THR A 276 35.75 -42.96 8.34
N GLU A 277 35.49 -43.81 7.35
CA GLU A 277 35.16 -43.31 6.01
C GLU A 277 33.81 -42.61 6.01
N CYS A 278 33.76 -41.43 5.39
CA CYS A 278 32.53 -40.65 5.31
C CYS A 278 32.07 -40.37 3.89
N ARG A 279 32.94 -40.58 2.92
CA ARG A 279 32.57 -40.37 1.52
C ARG A 279 33.45 -41.19 0.56
N ALA A 280 32.82 -42.15 -0.11
CA ALA A 280 33.53 -43.00 -1.07
C ALA A 280 33.92 -42.17 -2.28
N ALA A 281 34.90 -42.67 -3.03
CA ALA A 281 35.35 -41.97 -4.24
C ALA A 281 34.29 -42.12 -5.33
N LYS A 282 33.96 -41.01 -5.99
CA LYS A 282 32.95 -41.05 -7.04
C LYS A 282 33.55 -41.40 -8.39
N ASP A 283 34.87 -41.29 -8.51
CA ASP A 283 35.54 -41.62 -9.76
C ASP A 283 37.05 -41.70 -9.56
N GLU A 284 37.76 -42.05 -10.63
CA GLU A 284 39.21 -42.19 -10.62
C GLU A 284 39.99 -40.98 -10.07
N CYS A 285 39.47 -39.77 -10.25
CA CYS A 285 40.14 -38.56 -9.78
C CYS A 285 39.77 -38.17 -8.35
N ASP A 286 38.96 -39.01 -7.72
CA ASP A 286 38.50 -38.78 -6.37
C ASP A 286 39.14 -39.77 -5.42
N MET A 287 39.31 -39.37 -4.17
CA MET A 287 39.90 -40.23 -3.14
C MET A 287 38.90 -40.34 -2.00
N ALA A 288 38.71 -41.54 -1.45
CA ALA A 288 37.77 -41.69 -0.33
C ALA A 288 38.24 -40.74 0.79
N ASP A 289 37.30 -40.26 1.58
CA ASP A 289 37.62 -39.33 2.65
C ASP A 289 37.28 -39.95 4.00
N VAL A 290 38.10 -39.66 5.01
CA VAL A 290 37.88 -40.19 6.34
C VAL A 290 37.72 -39.07 7.36
N CYS A 291 36.93 -39.31 8.40
CA CYS A 291 36.69 -38.31 9.45
C CYS A 291 37.94 -37.98 10.29
N THR A 292 37.85 -36.96 11.14
CA THR A 292 38.99 -36.58 11.98
C THR A 292 38.69 -36.86 13.45
N GLY A 293 37.42 -37.17 13.72
CA GLY A 293 37.01 -37.43 15.09
C GLY A 293 36.80 -36.14 15.87
N ARG A 294 37.22 -35.03 15.28
CA ARG A 294 37.09 -33.73 15.93
C ARG A 294 36.08 -32.82 15.22
N SER A 295 35.45 -33.33 14.17
CA SER A 295 34.48 -32.54 13.41
C SER A 295 33.36 -33.39 12.81
N ALA A 296 32.23 -32.74 12.52
CA ALA A 296 31.08 -33.42 11.93
C ALA A 296 31.15 -33.37 10.41
N GLU A 297 31.99 -32.47 9.91
CA GLU A 297 32.17 -32.28 8.47
C GLU A 297 33.12 -33.32 7.87
N CYS A 298 33.03 -33.51 6.57
CA CYS A 298 33.85 -34.50 5.86
C CYS A 298 34.54 -33.84 4.67
N THR A 299 35.68 -33.21 4.93
CA THR A 299 36.43 -32.54 3.87
C THR A 299 36.59 -33.49 2.70
N ASP A 300 36.29 -32.99 1.50
CA ASP A 300 36.38 -33.80 0.30
C ASP A 300 37.65 -33.55 -0.49
N ARG A 301 38.57 -34.50 -0.48
CA ARG A 301 39.78 -34.30 -1.25
C ARG A 301 39.85 -35.34 -2.35
N PHE A 302 40.72 -35.09 -3.32
CA PHE A 302 40.85 -35.97 -4.47
C PHE A 302 42.27 -36.51 -4.65
N GLN A 303 42.50 -37.13 -5.81
CA GLN A 303 43.82 -37.65 -6.12
C GLN A 303 44.71 -36.46 -6.39
N ARG A 304 46.02 -36.68 -6.40
CA ARG A 304 46.93 -35.57 -6.66
C ARG A 304 46.88 -35.15 -8.13
N ASN A 305 46.95 -33.85 -8.38
CA ASN A 305 46.89 -33.30 -9.74
C ASN A 305 48.04 -33.84 -10.59
N GLY A 306 47.70 -34.71 -11.54
CA GLY A 306 48.71 -35.26 -12.42
C GLY A 306 48.45 -36.71 -12.79
N GLN A 307 47.67 -37.39 -11.97
CA GLN A 307 47.36 -38.78 -12.22
C GLN A 307 46.53 -38.96 -13.48
N PRO A 308 46.89 -39.97 -14.29
CA PRO A 308 46.15 -40.23 -15.53
C PRO A 308 44.67 -40.47 -15.28
N CYS A 309 43.85 -40.28 -16.31
CA CYS A 309 42.41 -40.47 -16.17
C CYS A 309 41.74 -40.59 -17.53
N LYS A 310 40.48 -41.03 -17.51
CA LYS A 310 39.69 -41.20 -18.74
C LYS A 310 40.46 -41.94 -19.82
N ASN A 311 41.26 -42.94 -19.42
CA ASN A 311 42.05 -43.72 -20.36
C ASN A 311 43.12 -42.86 -21.00
N ASN A 312 43.95 -42.24 -20.16
CA ASN A 312 45.02 -41.37 -20.62
C ASN A 312 44.56 -40.16 -21.41
N ASN A 313 43.27 -39.81 -21.32
CA ASN A 313 42.76 -38.63 -22.02
C ASN A 313 43.46 -37.40 -21.49
N GLY A 314 43.51 -37.30 -20.17
CA GLY A 314 44.16 -36.18 -19.53
C GLY A 314 44.69 -36.56 -18.17
N TYR A 315 44.80 -35.56 -17.30
CA TYR A 315 45.30 -35.78 -15.95
C TYR A 315 44.43 -35.06 -14.94
N CYS A 316 44.16 -35.74 -13.83
CA CYS A 316 43.31 -35.21 -12.78
C CYS A 316 43.62 -33.78 -12.33
N TYR A 317 42.61 -32.93 -12.41
CA TYR A 317 42.73 -31.56 -11.96
C TYR A 317 41.65 -31.34 -10.93
N ASN A 318 42.07 -31.04 -9.71
CA ASN A 318 41.14 -30.80 -8.59
C ASN A 318 39.89 -31.67 -8.63
N GLY A 319 40.07 -32.99 -8.74
CA GLY A 319 38.94 -33.88 -8.74
C GLY A 319 38.27 -34.17 -10.08
N LYS A 320 38.66 -33.47 -11.13
CA LYS A 320 38.07 -33.71 -12.45
C LYS A 320 39.10 -34.07 -13.53
N CYS A 321 38.59 -34.63 -14.62
CA CYS A 321 39.43 -35.03 -15.74
C CYS A 321 39.05 -34.19 -16.97
N PRO A 322 39.56 -32.94 -17.04
CA PRO A 322 39.25 -32.06 -18.17
C PRO A 322 40.01 -32.46 -19.43
N ILE A 323 39.27 -32.75 -20.50
CA ILE A 323 39.84 -33.13 -21.79
C ILE A 323 39.15 -32.34 -22.90
N MET A 324 39.91 -31.92 -23.90
CA MET A 324 39.36 -31.14 -24.98
C MET A 324 38.07 -31.68 -25.57
N ALA A 325 38.04 -32.97 -25.87
CA ALA A 325 36.85 -33.59 -26.45
C ALA A 325 35.57 -33.19 -25.73
N ASP A 326 35.58 -33.28 -24.41
CA ASP A 326 34.42 -32.93 -23.59
C ASP A 326 34.07 -31.44 -23.66
N GLN A 327 35.11 -30.62 -23.66
CA GLN A 327 34.90 -29.18 -23.73
C GLN A 327 34.24 -28.81 -25.04
N CYS A 328 34.66 -29.46 -26.14
CA CYS A 328 34.08 -29.18 -27.44
C CYS A 328 32.58 -29.50 -27.49
N ILE A 329 32.18 -30.50 -26.72
CA ILE A 329 30.77 -30.90 -26.66
C ILE A 329 29.98 -29.96 -25.74
N ALA A 330 30.62 -29.49 -24.67
CA ALA A 330 29.95 -28.60 -23.74
C ALA A 330 29.65 -27.26 -24.39
N LEU A 331 30.47 -26.88 -25.35
CA LEU A 331 30.32 -25.60 -26.05
C LEU A 331 29.50 -25.59 -27.34
N PHE A 332 29.49 -26.69 -28.07
CA PHE A 332 28.75 -26.71 -29.34
C PHE A 332 27.64 -27.74 -29.42
N GLY A 333 27.50 -28.53 -28.37
CA GLY A 333 26.47 -29.54 -28.33
C GLY A 333 26.99 -30.88 -28.79
N PRO A 334 26.10 -31.89 -28.86
CA PRO A 334 26.40 -33.26 -29.27
C PRO A 334 26.91 -33.31 -30.71
N GLY A 335 27.87 -34.19 -30.97
CA GLY A 335 28.40 -34.28 -32.32
C GLY A 335 29.67 -33.47 -32.52
N ALA A 336 29.82 -32.41 -31.73
CA ALA A 336 31.00 -31.57 -31.81
C ALA A 336 32.25 -32.42 -31.53
N THR A 337 33.33 -32.14 -32.25
CA THR A 337 34.57 -32.88 -32.12
C THR A 337 35.73 -31.90 -32.08
N VAL A 338 36.85 -32.31 -31.48
CA VAL A 338 38.00 -31.43 -31.41
C VAL A 338 38.60 -31.32 -32.80
N SER A 339 39.15 -30.16 -33.11
CA SER A 339 39.74 -29.90 -34.42
C SER A 339 41.12 -30.52 -34.64
N GLN A 340 41.46 -30.74 -35.91
CA GLN A 340 42.74 -31.30 -36.30
C GLN A 340 43.87 -30.38 -35.80
N ASP A 341 44.92 -30.98 -35.26
CA ASP A 341 46.07 -30.23 -34.72
C ASP A 341 46.42 -28.93 -35.44
N ALA A 342 46.41 -28.97 -36.77
CA ALA A 342 46.74 -27.81 -37.60
C ALA A 342 45.95 -26.56 -37.21
N CYS A 343 44.66 -26.76 -36.92
CA CYS A 343 43.77 -25.67 -36.52
C CYS A 343 44.31 -24.80 -35.40
N PHE A 344 44.84 -25.45 -34.36
CA PHE A 344 45.37 -24.74 -33.22
C PHE A 344 46.51 -23.79 -33.57
N GLN A 345 46.96 -23.84 -34.82
CA GLN A 345 48.03 -22.97 -35.29
C GLN A 345 47.61 -21.49 -35.20
N PHE A 346 46.32 -21.24 -35.33
CA PHE A 346 45.83 -19.87 -35.27
C PHE A 346 46.12 -19.25 -33.91
N ASN A 347 46.57 -20.06 -32.96
CA ASN A 347 46.88 -19.52 -31.66
C ASN A 347 48.23 -18.81 -31.73
N ARG A 348 48.99 -19.09 -32.78
CA ARG A 348 50.31 -18.51 -32.98
C ARG A 348 50.31 -17.06 -33.46
N GLU A 349 49.13 -16.56 -33.83
CA GLU A 349 49.02 -15.19 -34.32
C GLU A 349 48.81 -14.14 -33.23
N GLY A 350 48.42 -14.59 -32.03
CA GLY A 350 48.19 -13.68 -30.93
C GLY A 350 47.09 -12.70 -31.29
N ASN A 351 46.45 -12.97 -32.42
CA ASN A 351 45.37 -12.12 -32.92
C ASN A 351 44.24 -11.98 -31.91
N HIS A 352 43.11 -11.47 -32.38
CA HIS A 352 41.94 -11.23 -31.53
C HIS A 352 41.34 -12.42 -30.78
N TYR A 353 41.32 -13.60 -31.40
CA TYR A 353 40.73 -14.78 -30.75
C TYR A 353 41.79 -15.90 -30.54
N GLY A 354 42.88 -15.83 -31.30
CA GLY A 354 43.91 -16.86 -31.24
C GLY A 354 45.18 -16.44 -30.52
N TYR A 355 45.28 -16.87 -29.27
CA TYR A 355 46.41 -16.57 -28.42
C TYR A 355 46.49 -17.66 -27.37
N CYS A 356 47.43 -17.56 -26.44
CA CYS A 356 47.54 -18.57 -25.41
C CYS A 356 47.10 -18.02 -24.07
N ARG A 357 47.33 -16.73 -23.86
CA ARG A 357 46.96 -16.09 -22.60
C ARG A 357 47.08 -14.57 -22.69
N LYS A 358 46.56 -13.88 -21.69
CA LYS A 358 46.66 -12.44 -21.63
C LYS A 358 47.69 -12.09 -20.58
N GLU A 359 48.78 -11.44 -20.99
CA GLU A 359 49.84 -11.05 -20.06
C GLU A 359 49.24 -9.99 -19.13
N GLN A 360 49.31 -8.73 -19.55
CA GLN A 360 48.75 -7.65 -18.76
C GLN A 360 47.29 -7.57 -19.16
N ASN A 361 47.03 -7.08 -20.36
CA ASN A 361 45.69 -7.02 -20.91
C ASN A 361 45.85 -7.31 -22.38
N THR A 362 47.12 -7.51 -22.74
CA THR A 362 47.52 -7.84 -24.10
C THR A 362 47.24 -9.32 -24.29
N LYS A 363 47.40 -9.82 -25.51
CA LYS A 363 47.16 -11.22 -25.81
C LYS A 363 48.44 -11.93 -26.21
N ILE A 364 49.05 -12.65 -25.27
CA ILE A 364 50.28 -13.35 -25.60
C ILE A 364 49.99 -14.55 -26.47
N ALA A 365 50.58 -14.56 -27.66
CA ALA A 365 50.40 -15.67 -28.59
C ALA A 365 51.05 -16.93 -28.01
N CYS A 366 50.69 -18.08 -28.58
CA CYS A 366 51.26 -19.35 -28.13
C CYS A 366 52.61 -19.54 -28.77
N GLU A 367 53.43 -20.36 -28.14
CA GLU A 367 54.72 -20.69 -28.70
C GLU A 367 54.41 -22.04 -29.30
N PRO A 368 55.00 -22.37 -30.44
CA PRO A 368 54.77 -23.65 -31.11
C PRO A 368 54.48 -24.82 -30.16
N GLN A 369 55.10 -24.80 -28.99
CA GLN A 369 54.92 -25.85 -27.99
C GLN A 369 53.61 -25.72 -27.21
N ASP A 370 53.14 -24.49 -27.00
CA ASP A 370 51.91 -24.24 -26.26
C ASP A 370 50.71 -23.94 -27.16
N VAL A 371 50.64 -24.63 -28.29
CA VAL A 371 49.59 -24.43 -29.28
C VAL A 371 48.20 -24.98 -28.84
N LYS A 372 48.19 -25.97 -27.96
CA LYS A 372 46.94 -26.55 -27.51
C LYS A 372 46.43 -26.08 -26.14
N CYS A 373 46.92 -24.93 -25.68
CA CYS A 373 46.46 -24.39 -24.40
C CYS A 373 45.86 -23.02 -24.58
N GLY A 374 45.57 -22.68 -25.84
CA GLY A 374 44.97 -21.40 -26.15
C GLY A 374 43.47 -21.52 -26.39
N ARG A 375 42.99 -20.88 -27.46
CA ARG A 375 41.57 -20.94 -27.83
C ARG A 375 41.25 -22.37 -28.25
N LEU A 376 40.19 -22.96 -27.70
CA LEU A 376 39.85 -24.34 -28.09
C LEU A 376 39.20 -24.34 -29.48
N TYR A 377 39.73 -25.17 -30.36
CA TYR A 377 39.19 -25.27 -31.71
C TYR A 377 38.39 -26.53 -31.83
N CYS A 378 37.13 -26.39 -32.21
CA CYS A 378 36.25 -27.53 -32.37
C CYS A 378 35.64 -27.45 -33.76
N PHE A 379 34.85 -28.45 -34.09
CA PHE A 379 34.15 -28.50 -35.34
C PHE A 379 33.04 -29.55 -35.20
N PRO A 380 31.80 -29.15 -35.52
CA PRO A 380 30.60 -29.99 -35.45
C PRO A 380 30.54 -31.07 -36.52
N ASN A 381 29.67 -32.06 -36.31
CA ASN A 381 29.53 -33.18 -37.24
C ASN A 381 28.58 -32.90 -38.41
N SER A 382 28.18 -31.65 -38.59
CA SER A 382 27.28 -31.33 -39.69
C SER A 382 27.95 -31.66 -41.02
N PRO A 383 27.27 -32.46 -41.85
CA PRO A 383 27.77 -32.88 -43.16
C PRO A 383 27.92 -31.69 -44.09
N GLU A 384 27.08 -30.66 -43.87
CA GLU A 384 27.13 -29.45 -44.68
C GLU A 384 28.18 -28.46 -44.18
N ASN A 385 28.76 -28.75 -43.02
CA ASN A 385 29.80 -27.89 -42.46
C ASN A 385 30.99 -28.03 -43.39
N LYS A 386 31.70 -26.93 -43.60
CA LYS A 386 32.86 -26.94 -44.49
C LYS A 386 34.08 -26.34 -43.82
N ASN A 387 33.98 -26.06 -42.53
CA ASN A 387 35.09 -25.42 -41.84
C ASN A 387 35.78 -26.31 -40.81
N PRO A 388 37.10 -26.46 -40.94
CA PRO A 388 37.85 -27.28 -40.00
C PRO A 388 38.00 -26.67 -38.60
N CYS A 389 38.21 -25.36 -38.53
CA CYS A 389 38.38 -24.72 -37.22
C CYS A 389 37.24 -23.78 -36.88
N ASN A 390 36.64 -24.01 -35.72
CA ASN A 390 35.52 -23.19 -35.27
C ASN A 390 35.72 -22.84 -33.81
N ILE A 391 35.73 -21.54 -33.57
CA ILE A 391 35.94 -20.98 -32.25
C ILE A 391 34.68 -20.51 -31.55
N TYR A 392 34.71 -20.57 -30.22
CA TYR A 392 33.62 -20.10 -29.40
C TYR A 392 34.17 -18.79 -28.78
N TYR A 393 33.36 -17.72 -28.79
CA TYR A 393 33.83 -16.43 -28.28
C TYR A 393 32.73 -15.56 -27.67
N SER A 394 33.14 -14.76 -26.69
CA SER A 394 32.22 -13.84 -26.03
C SER A 394 32.92 -12.51 -25.85
N PRO A 395 32.28 -11.41 -26.29
CA PRO A 395 32.88 -10.08 -26.15
C PRO A 395 33.00 -9.82 -24.66
N ASN A 396 31.99 -10.31 -23.93
CA ASN A 396 31.92 -10.17 -22.49
C ASN A 396 33.10 -10.80 -21.75
N ASP A 397 33.41 -12.07 -22.06
CA ASP A 397 34.49 -12.80 -21.40
C ASP A 397 35.41 -13.51 -22.39
N GLU A 398 36.41 -12.80 -22.89
CA GLU A 398 37.36 -13.38 -23.86
C GLU A 398 38.04 -14.66 -23.40
N ASP A 399 37.92 -14.92 -22.10
CA ASP A 399 38.50 -16.11 -21.48
C ASP A 399 37.61 -17.32 -21.82
N LYS A 400 36.31 -17.07 -21.90
CA LYS A 400 35.34 -18.12 -22.22
C LYS A 400 35.63 -18.78 -23.57
N GLY A 401 35.60 -20.10 -23.59
CA GLY A 401 35.88 -20.85 -24.80
C GLY A 401 37.36 -21.15 -24.91
N MET A 402 38.12 -20.83 -23.87
CA MET A 402 39.55 -21.12 -23.87
C MET A 402 39.71 -22.51 -23.24
N VAL A 403 40.76 -23.22 -23.60
CA VAL A 403 41.01 -24.56 -23.06
C VAL A 403 41.02 -24.49 -21.53
N LEU A 404 40.29 -25.39 -20.87
CA LEU A 404 40.21 -25.42 -19.41
C LEU A 404 41.50 -25.83 -18.71
N PRO A 405 41.72 -25.29 -17.49
CA PRO A 405 42.93 -25.62 -16.73
C PRO A 405 43.08 -27.12 -16.53
N GLY A 406 44.32 -27.58 -16.47
CA GLY A 406 44.61 -29.00 -16.26
C GLY A 406 44.19 -29.93 -17.37
N THR A 407 44.00 -29.39 -18.56
CA THR A 407 43.60 -30.16 -19.73
C THR A 407 44.85 -30.73 -20.42
N LYS A 408 44.80 -32.00 -20.78
CA LYS A 408 45.92 -32.66 -21.43
C LYS A 408 46.18 -32.08 -22.81
N CYS A 409 47.31 -31.39 -22.96
CA CYS A 409 47.71 -30.77 -24.22
C CYS A 409 48.69 -31.63 -25.02
N ALA A 410 49.61 -32.27 -24.30
CA ALA A 410 50.61 -33.15 -24.92
C ALA A 410 50.49 -34.53 -24.29
N ASP A 411 51.59 -35.27 -24.25
CA ASP A 411 51.55 -36.60 -23.64
C ASP A 411 51.45 -36.45 -22.13
N ARG A 412 52.59 -36.45 -21.44
CA ARG A 412 52.57 -36.29 -20.00
C ARG A 412 52.73 -34.82 -19.64
N LYS A 413 51.83 -34.02 -20.20
CA LYS A 413 51.82 -32.57 -19.98
C LYS A 413 50.37 -32.07 -20.01
N ALA A 414 50.06 -31.07 -19.18
CA ALA A 414 48.72 -30.50 -19.12
C ALA A 414 48.78 -28.98 -19.04
N CYS A 415 47.74 -28.33 -19.54
CA CYS A 415 47.67 -26.87 -19.56
C CYS A 415 47.55 -26.26 -18.18
N SER A 416 48.42 -25.30 -17.90
CA SER A 416 48.39 -24.63 -16.62
C SER A 416 48.10 -23.14 -16.81
N ASN A 417 48.80 -22.52 -17.76
CA ASN A 417 48.58 -21.11 -18.04
C ASN A 417 49.08 -20.77 -19.41
N GLY A 418 48.24 -21.01 -20.41
CA GLY A 418 48.65 -20.72 -21.77
C GLY A 418 49.91 -21.48 -22.13
N GLN A 419 50.38 -22.34 -21.22
CA GLN A 419 51.58 -23.13 -21.45
C GLN A 419 51.34 -24.61 -21.18
N CYS A 420 51.77 -25.45 -22.12
CA CYS A 420 51.61 -26.88 -22.01
C CYS A 420 52.74 -27.41 -21.12
N VAL A 421 52.61 -27.13 -19.82
CA VAL A 421 53.59 -27.54 -18.82
C VAL A 421 53.63 -29.06 -18.66
N ASP A 422 54.68 -29.56 -18.01
CA ASP A 422 54.84 -31.00 -17.76
C ASP A 422 53.96 -31.41 -16.60
N VAL A 423 53.26 -32.53 -16.77
CA VAL A 423 52.35 -33.04 -15.75
C VAL A 423 52.93 -33.01 -14.34
N THR A 424 54.04 -33.70 -14.14
CA THR A 424 54.69 -33.79 -12.83
C THR A 424 55.21 -32.44 -12.32
N THR A 425 54.33 -31.68 -11.67
CA THR A 425 54.68 -30.38 -11.12
C THR A 425 53.74 -30.07 -9.96
N LEU B 4 -38.04 14.27 22.91
CA LEU B 4 -37.38 15.26 22.01
C LEU B 4 -38.23 16.52 21.89
N THR B 5 -37.77 17.46 21.07
CA THR B 5 -38.47 18.73 20.87
C THR B 5 -38.84 18.95 19.41
N PRO B 6 -39.58 20.02 19.11
CA PRO B 6 -40.01 20.34 17.75
C PRO B 6 -38.85 20.59 16.79
N GLU B 7 -37.75 21.12 17.32
CA GLU B 7 -36.58 21.40 16.50
C GLU B 7 -35.67 20.18 16.32
N GLN B 8 -35.62 19.32 17.32
CA GLN B 8 -34.79 18.11 17.26
C GLN B 8 -35.33 17.15 16.20
N GLN B 9 -36.53 16.63 16.43
CA GLN B 9 -37.16 15.71 15.50
C GLN B 9 -37.23 16.29 14.08
N ARG B 10 -37.40 17.60 13.99
CA ARG B 10 -37.46 18.26 12.68
C ARG B 10 -36.12 18.17 11.98
N TYR B 11 -35.06 18.24 12.79
CA TYR B 11 -33.69 18.16 12.28
C TYR B 11 -33.39 16.73 11.83
N LEU B 12 -33.65 15.76 12.70
CA LEU B 12 -33.41 14.36 12.38
C LEU B 12 -34.05 13.95 11.06
N ASN B 13 -35.22 14.52 10.77
CA ASN B 13 -35.94 14.22 9.54
C ASN B 13 -35.21 14.72 8.29
N ALA B 14 -34.77 15.97 8.33
CA ALA B 14 -34.08 16.58 7.18
C ALA B 14 -33.04 15.65 6.59
N LYS B 15 -32.98 15.64 5.25
CA LYS B 15 -32.04 14.82 4.51
C LYS B 15 -30.64 15.37 4.78
N LYS B 16 -29.69 14.47 5.07
CA LYS B 16 -28.34 14.90 5.36
C LYS B 16 -27.42 14.89 4.15
N TYR B 17 -26.36 15.68 4.23
CA TYR B 17 -25.38 15.77 3.17
C TYR B 17 -24.02 16.03 3.79
N VAL B 18 -23.00 15.29 3.37
CA VAL B 18 -21.66 15.54 3.87
C VAL B 18 -20.83 16.00 2.68
N LYS B 19 -20.51 17.29 2.65
CA LYS B 19 -19.72 17.84 1.57
C LYS B 19 -18.26 17.57 1.94
N LEU B 20 -17.77 16.48 1.39
CA LEU B 20 -16.44 15.99 1.65
C LEU B 20 -15.36 16.58 0.76
N PHE B 21 -14.24 16.93 1.37
CA PHE B 21 -13.11 17.43 0.62
C PHE B 21 -12.01 16.38 0.81
N LEU B 22 -11.47 15.84 -0.28
CA LEU B 22 -10.42 14.84 -0.17
C LEU B 22 -9.05 15.35 -0.57
N VAL B 23 -8.03 14.96 0.18
CA VAL B 23 -6.65 15.34 -0.10
C VAL B 23 -5.78 14.09 -0.28
N ALA B 24 -4.93 14.13 -1.30
CA ALA B 24 -4.04 13.01 -1.54
C ALA B 24 -2.63 13.53 -1.38
N ASP B 25 -1.82 12.82 -0.61
CA ASP B 25 -0.45 13.27 -0.37
C ASP B 25 0.54 12.88 -1.45
N TYR B 26 1.76 13.41 -1.31
CA TYR B 26 2.81 13.15 -2.28
C TYR B 26 3.10 11.65 -2.50
N ILE B 27 3.03 10.83 -1.45
CA ILE B 27 3.27 9.40 -1.65
C ILE B 27 2.20 8.83 -2.60
N MET B 28 0.95 9.29 -2.47
CA MET B 28 -0.12 8.84 -3.35
C MET B 28 0.22 9.20 -4.80
N TYR B 29 0.62 10.44 -5.01
CA TYR B 29 0.98 10.89 -6.34
C TYR B 29 2.04 9.91 -6.92
N LEU B 30 3.08 9.61 -6.15
CA LEU B 30 4.11 8.69 -6.61
C LEU B 30 3.54 7.29 -6.79
N LYS B 31 2.77 6.86 -5.79
CA LYS B 31 2.16 5.53 -5.82
C LYS B 31 1.41 5.25 -7.13
N TYR B 32 0.63 6.22 -7.60
CA TYR B 32 -0.09 6.02 -8.84
C TYR B 32 0.62 6.48 -10.11
N GLY B 33 1.94 6.28 -10.13
CA GLY B 33 2.76 6.61 -11.28
C GLY B 33 2.76 8.06 -11.71
N ARG B 34 2.70 8.98 -10.75
CA ARG B 34 2.71 10.41 -11.05
C ARG B 34 1.65 10.82 -12.05
N ASN B 35 0.53 10.11 -12.05
CA ASN B 35 -0.58 10.35 -12.97
C ASN B 35 -1.80 10.87 -12.19
N LEU B 36 -1.94 12.20 -12.16
CA LEU B 36 -3.05 12.87 -11.47
C LEU B 36 -4.42 12.25 -11.73
N THR B 37 -4.66 11.88 -12.98
CA THR B 37 -5.94 11.28 -13.35
C THR B 37 -6.11 9.96 -12.60
N ALA B 38 -5.04 9.20 -12.52
CA ALA B 38 -5.04 7.94 -11.82
C ALA B 38 -5.31 8.16 -10.32
N VAL B 39 -4.80 9.25 -9.75
CA VAL B 39 -5.05 9.50 -8.33
C VAL B 39 -6.50 9.91 -8.09
N ARG B 40 -7.07 10.71 -9.00
CA ARG B 40 -8.46 11.14 -8.84
C ARG B 40 -9.38 9.96 -9.03
N THR B 41 -9.10 9.17 -10.04
CA THR B 41 -9.90 7.98 -10.35
C THR B 41 -9.94 7.07 -9.12
N ARG B 42 -8.83 7.02 -8.38
CA ARG B 42 -8.77 6.22 -7.17
C ARG B 42 -9.72 6.82 -6.11
N MET B 43 -9.68 8.14 -5.93
CA MET B 43 -10.53 8.82 -4.96
C MET B 43 -12.02 8.69 -5.34
N TYR B 44 -12.33 8.78 -6.64
CA TYR B 44 -13.71 8.65 -7.12
C TYR B 44 -14.21 7.23 -6.81
N ASP B 45 -13.36 6.23 -7.12
CA ASP B 45 -13.70 4.84 -6.86
C ASP B 45 -14.04 4.70 -5.40
N ILE B 46 -13.24 5.32 -4.55
CA ILE B 46 -13.43 5.23 -3.10
C ILE B 46 -14.73 5.91 -2.66
N VAL B 47 -15.00 7.08 -3.19
CA VAL B 47 -16.22 7.79 -2.84
C VAL B 47 -17.45 7.01 -3.34
N ASN B 48 -17.33 6.43 -4.53
CA ASN B 48 -18.41 5.65 -5.13
C ASN B 48 -18.85 4.48 -4.23
N VAL B 49 -17.97 4.07 -3.31
CA VAL B 49 -18.30 2.99 -2.38
C VAL B 49 -18.82 3.57 -1.06
N ILE B 50 -18.24 4.69 -0.64
CA ILE B 50 -18.63 5.35 0.59
C ILE B 50 -20.07 5.85 0.54
N THR B 51 -20.45 6.40 -0.61
CA THR B 51 -21.77 6.96 -0.79
C THR B 51 -22.93 5.98 -0.48
N PRO B 52 -22.98 4.81 -1.15
CA PRO B 52 -24.09 3.91 -0.81
C PRO B 52 -24.03 3.45 0.64
N ILE B 53 -22.81 3.35 1.18
CA ILE B 53 -22.63 2.97 2.58
C ILE B 53 -23.39 3.98 3.45
N TYR B 54 -23.22 5.26 3.18
CA TYR B 54 -23.87 6.26 4.00
C TYR B 54 -25.33 6.55 3.72
N HIS B 55 -25.87 5.92 2.67
CA HIS B 55 -27.27 6.10 2.35
C HIS B 55 -28.13 5.39 3.38
N ARG B 56 -27.59 4.32 3.97
CA ARG B 56 -28.33 3.59 4.99
C ARG B 56 -28.32 4.35 6.31
N MET B 57 -27.72 5.53 6.30
CA MET B 57 -27.63 6.38 7.48
C MET B 57 -28.25 7.73 7.23
N ASN B 58 -29.06 7.83 6.17
CA ASN B 58 -29.72 9.08 5.85
C ASN B 58 -28.73 10.18 5.49
N ILE B 59 -27.56 9.80 5.01
CA ILE B 59 -26.57 10.79 4.64
C ILE B 59 -26.11 10.62 3.22
N HIS B 60 -25.94 11.72 2.50
CA HIS B 60 -25.41 11.61 1.15
C HIS B 60 -24.04 12.26 1.13
N VAL B 61 -23.01 11.44 0.96
CA VAL B 61 -21.67 11.96 0.88
C VAL B 61 -21.49 12.52 -0.52
N ALA B 62 -21.09 13.78 -0.62
CA ALA B 62 -20.86 14.39 -1.92
C ALA B 62 -19.45 14.96 -1.93
N LEU B 63 -18.70 14.64 -2.98
CA LEU B 63 -17.34 15.13 -3.12
C LEU B 63 -17.35 16.55 -3.65
N VAL B 64 -17.08 17.52 -2.78
CA VAL B 64 -17.09 18.92 -3.20
C VAL B 64 -15.71 19.49 -3.52
N GLY B 65 -14.66 18.81 -3.06
CA GLY B 65 -13.32 19.27 -3.32
C GLY B 65 -12.32 18.15 -3.41
N LEU B 66 -11.24 18.42 -4.12
CA LEU B 66 -10.19 17.44 -4.33
C LEU B 66 -8.86 18.17 -4.48
N GLU B 67 -7.81 17.69 -3.83
CA GLU B 67 -6.51 18.33 -3.92
C GLU B 67 -5.43 17.26 -3.78
N ILE B 68 -4.41 17.36 -4.63
CA ILE B 68 -3.31 16.41 -4.66
C ILE B 68 -1.97 17.11 -4.48
N TRP B 69 -1.27 16.79 -3.40
CA TRP B 69 0.02 17.38 -3.13
C TRP B 69 1.12 16.75 -4.00
N SER B 70 0.98 16.90 -5.31
CA SER B 70 1.92 16.36 -6.28
C SER B 70 3.23 17.13 -6.36
N ASN B 71 3.31 18.27 -5.71
CA ASN B 71 4.53 19.05 -5.73
C ASN B 71 5.28 18.73 -4.44
N THR B 72 4.62 18.99 -3.32
CA THR B 72 5.19 18.72 -1.99
C THR B 72 4.01 18.71 -1.00
N ASP B 73 4.13 17.95 0.09
CA ASP B 73 3.06 17.89 1.08
C ASP B 73 2.97 19.25 1.76
N LYS B 74 1.75 19.71 2.04
CA LYS B 74 1.54 20.99 2.69
C LYS B 74 1.84 20.88 4.19
N ILE B 75 1.90 19.66 4.68
CA ILE B 75 2.22 19.42 6.08
C ILE B 75 3.24 18.30 6.06
N ILE B 76 3.69 17.86 7.22
CA ILE B 76 4.66 16.78 7.28
C ILE B 76 3.98 15.46 7.57
N VAL B 77 3.67 14.72 6.52
CA VAL B 77 3.00 13.43 6.67
C VAL B 77 4.00 12.49 7.33
N GLN B 78 3.60 11.92 8.46
CA GLN B 78 4.48 11.03 9.25
C GLN B 78 3.85 9.71 9.69
N SER B 79 4.71 8.77 10.08
CA SER B 79 4.33 7.44 10.55
C SER B 79 3.34 7.51 11.73
N SER B 80 3.46 8.55 12.55
CA SER B 80 2.58 8.71 13.68
C SER B 80 1.23 9.25 13.21
N ALA B 81 0.21 8.42 13.34
CA ALA B 81 -1.11 8.83 12.91
C ALA B 81 -1.57 10.04 13.71
N ASP B 82 -1.24 10.04 14.99
CA ASP B 82 -1.63 11.13 15.87
C ASP B 82 -1.08 12.48 15.44
N VAL B 83 0.23 12.54 15.23
CA VAL B 83 0.85 13.79 14.81
C VAL B 83 0.29 14.27 13.49
N THR B 84 0.18 13.37 12.51
CA THR B 84 -0.32 13.70 11.19
C THR B 84 -1.73 14.26 11.23
N LEU B 85 -2.62 13.58 11.96
CA LEU B 85 -3.99 14.04 12.05
C LEU B 85 -4.02 15.48 12.59
N ASP B 86 -3.31 15.70 13.68
CA ASP B 86 -3.26 17.00 14.29
C ASP B 86 -2.82 18.01 13.24
N LEU B 87 -1.71 17.70 12.58
CA LEU B 87 -1.17 18.59 11.56
C LEU B 87 -2.14 18.82 10.42
N PHE B 88 -2.83 17.76 10.00
CA PHE B 88 -3.77 17.87 8.91
C PHE B 88 -4.96 18.76 9.24
N ALA B 89 -5.56 18.54 10.40
CA ALA B 89 -6.71 19.34 10.83
C ALA B 89 -6.38 20.85 10.81
N LYS B 90 -5.29 21.20 11.50
CA LYS B 90 -4.87 22.60 11.58
C LYS B 90 -4.67 23.19 10.20
N TRP B 91 -4.05 22.43 9.32
CA TRP B 91 -3.83 22.92 7.98
C TRP B 91 -5.16 23.18 7.30
N ARG B 92 -6.13 22.34 7.61
CA ARG B 92 -7.45 22.49 7.03
C ARG B 92 -8.08 23.78 7.58
N ALA B 93 -8.05 23.89 8.90
CA ALA B 93 -8.61 25.04 9.59
C ALA B 93 -8.06 26.37 9.09
N THR B 94 -6.73 26.45 8.98
CA THR B 94 -6.09 27.69 8.56
C THR B 94 -5.88 27.91 7.06
N ASP B 95 -5.69 26.85 6.28
CA ASP B 95 -5.45 27.03 4.84
C ASP B 95 -6.59 26.58 3.92
N LEU B 96 -7.03 25.34 4.07
CA LEU B 96 -8.08 24.80 3.21
C LEU B 96 -9.42 25.55 3.27
N LEU B 97 -10.03 25.59 4.46
CA LEU B 97 -11.30 26.26 4.61
C LEU B 97 -11.31 27.70 4.09
N SER B 98 -10.21 28.42 4.29
CA SER B 98 -10.15 29.79 3.85
C SER B 98 -10.37 29.91 2.34
N ARG B 99 -10.06 28.87 1.58
CA ARG B 99 -10.24 28.94 0.13
C ARG B 99 -11.17 27.90 -0.48
N LYS B 100 -11.93 27.21 0.35
CA LYS B 100 -12.86 26.22 -0.15
C LYS B 100 -13.71 25.69 0.98
N SER B 101 -14.98 26.10 0.97
CA SER B 101 -15.94 25.68 1.99
C SER B 101 -16.29 24.20 1.76
N HIS B 102 -16.41 23.45 2.84
CA HIS B 102 -16.76 22.02 2.77
C HIS B 102 -17.03 21.62 4.20
N ASP B 103 -17.81 20.56 4.39
CA ASP B 103 -18.18 20.08 5.71
C ASP B 103 -17.17 19.18 6.41
N ASN B 104 -16.40 18.43 5.62
CA ASN B 104 -15.45 17.46 6.17
C ASN B 104 -14.34 17.12 5.19
N ALA B 105 -13.13 16.95 5.73
CA ALA B 105 -11.97 16.61 4.93
C ALA B 105 -11.29 15.35 5.45
N GLN B 106 -10.83 14.53 4.50
CA GLN B 106 -10.14 13.27 4.77
C GLN B 106 -8.81 13.27 4.03
N LEU B 107 -7.73 12.93 4.73
CA LEU B 107 -6.42 12.88 4.09
C LEU B 107 -6.16 11.43 3.64
N LEU B 108 -6.02 11.22 2.34
CA LEU B 108 -5.75 9.87 1.82
C LEU B 108 -4.24 9.83 1.60
N THR B 109 -3.53 9.20 2.52
CA THR B 109 -2.08 9.16 2.39
C THR B 109 -1.58 7.79 2.03
N GLY B 110 -0.43 7.76 1.34
CA GLY B 110 0.19 6.51 0.95
C GLY B 110 1.23 6.03 1.94
N ILE B 111 1.49 6.82 2.99
CA ILE B 111 2.47 6.43 3.98
C ILE B 111 1.88 5.34 4.88
N ASN B 112 2.72 4.58 5.56
CA ASN B 112 2.24 3.55 6.47
C ASN B 112 2.24 4.05 7.90
N PHE B 113 1.08 4.05 8.54
CA PHE B 113 1.03 4.52 9.93
C PHE B 113 1.61 3.46 10.87
N ASN B 114 2.30 3.91 11.93
CA ASN B 114 2.85 2.95 12.90
C ASN B 114 1.70 2.11 13.45
N GLY B 115 1.95 0.83 13.68
CA GLY B 115 0.90 -0.03 14.21
C GLY B 115 0.00 -0.65 13.14
N PRO B 116 -1.04 -1.37 13.55
CA PRO B 116 -1.97 -2.01 12.60
C PRO B 116 -3.07 -1.09 12.11
N THR B 117 -3.15 0.09 12.71
CA THR B 117 -4.15 1.10 12.35
C THR B 117 -3.99 1.66 10.93
N ALA B 118 -5.11 1.85 10.26
CA ALA B 118 -5.15 2.36 8.91
C ALA B 118 -5.77 3.75 8.83
N GLY B 119 -6.16 4.30 9.97
CA GLY B 119 -6.75 5.62 9.97
C GLY B 119 -6.98 6.17 11.36
N LEU B 120 -7.35 7.45 11.42
CA LEU B 120 -7.59 8.11 12.70
C LEU B 120 -8.47 9.34 12.45
N GLY B 121 -9.30 9.68 13.44
CA GLY B 121 -10.15 10.83 13.27
C GLY B 121 -10.72 11.38 14.57
N TYR B 122 -11.17 12.63 14.50
CA TYR B 122 -11.74 13.29 15.66
C TYR B 122 -13.18 12.88 15.94
N LEU B 123 -13.40 12.28 17.11
CA LEU B 123 -14.74 11.85 17.49
C LEU B 123 -15.70 13.06 17.51
N GLY B 124 -16.85 12.90 16.83
CA GLY B 124 -17.87 13.93 16.75
C GLY B 124 -17.43 15.28 16.23
N GLY B 125 -16.32 15.31 15.51
CA GLY B 125 -15.86 16.58 14.95
C GLY B 125 -16.55 17.07 13.70
N ILE B 126 -17.63 16.42 13.29
CA ILE B 126 -18.29 16.83 12.07
C ILE B 126 -18.66 18.32 12.05
N CYS B 127 -18.53 18.93 10.87
CA CYS B 127 -18.83 20.34 10.63
C CYS B 127 -17.88 21.34 11.25
N ASN B 128 -17.27 21.01 12.40
CA ASN B 128 -16.32 21.87 13.09
C ASN B 128 -15.17 22.33 12.18
N THR B 129 -14.89 23.63 12.24
CA THR B 129 -13.84 24.25 11.43
C THR B 129 -12.40 23.79 11.79
N MET B 130 -12.26 23.21 12.98
CA MET B 130 -10.98 22.73 13.49
C MET B 130 -10.85 21.22 13.69
N TYR B 131 -11.98 20.51 13.67
CA TYR B 131 -11.92 19.08 13.91
C TYR B 131 -12.69 18.18 12.95
N SER B 132 -13.25 18.74 11.88
CA SER B 132 -14.02 17.92 10.94
C SER B 132 -13.01 17.34 9.97
N ALA B 133 -12.17 16.46 10.49
CA ALA B 133 -11.12 15.86 9.70
C ALA B 133 -10.74 14.46 10.17
N GLY B 134 -10.17 13.70 9.23
CA GLY B 134 -9.72 12.35 9.51
C GLY B 134 -8.62 12.00 8.53
N ILE B 135 -7.83 10.97 8.87
CA ILE B 135 -6.77 10.49 7.99
C ILE B 135 -6.90 8.99 7.76
N VAL B 136 -6.76 8.60 6.49
CA VAL B 136 -6.89 7.21 6.07
C VAL B 136 -5.66 6.75 5.29
N GLN B 137 -5.13 5.59 5.64
CA GLN B 137 -4.00 5.03 4.91
C GLN B 137 -4.60 4.29 3.70
N ASP B 138 -4.02 4.50 2.51
CA ASP B 138 -4.47 3.81 1.29
C ASP B 138 -3.81 2.44 1.43
N HIS B 139 -4.19 1.76 2.52
CA HIS B 139 -3.61 0.50 2.96
C HIS B 139 -3.73 -0.77 2.12
N SER B 140 -4.55 -0.79 1.08
CA SER B 140 -4.70 -2.01 0.29
C SER B 140 -5.06 -1.79 -1.16
N LYS B 141 -4.58 -2.66 -2.04
CA LYS B 141 -4.87 -2.50 -3.46
C LYS B 141 -6.37 -2.47 -3.68
N ILE B 142 -7.10 -3.30 -2.97
CA ILE B 142 -8.55 -3.34 -3.10
C ILE B 142 -9.15 -2.07 -2.52
N HIS B 143 -9.66 -1.21 -3.39
CA HIS B 143 -10.21 0.06 -2.97
C HIS B 143 -11.45 0.05 -2.09
N HIS B 144 -12.28 -0.98 -2.13
CA HIS B 144 -13.46 -0.93 -1.26
C HIS B 144 -13.05 -1.05 0.21
N LEU B 145 -11.90 -1.69 0.48
CA LEU B 145 -11.42 -1.81 1.86
C LEU B 145 -10.89 -0.45 2.33
N VAL B 146 -10.33 0.32 1.40
CA VAL B 146 -9.81 1.62 1.79
C VAL B 146 -11.04 2.49 2.00
N ALA B 147 -12.07 2.23 1.20
CA ALA B 147 -13.32 2.98 1.30
C ALA B 147 -13.93 2.75 2.68
N ILE B 148 -14.02 1.48 3.09
CA ILE B 148 -14.57 1.17 4.39
C ILE B 148 -13.80 1.87 5.53
N ALA B 149 -12.47 1.91 5.42
CA ALA B 149 -11.65 2.55 6.43
C ALA B 149 -11.97 4.04 6.50
N MET B 150 -12.14 4.67 5.35
CA MET B 150 -12.44 6.11 5.33
C MET B 150 -13.84 6.32 5.90
N ALA B 151 -14.77 5.43 5.58
CA ALA B 151 -16.13 5.53 6.07
C ALA B 151 -16.11 5.39 7.59
N HIS B 152 -15.14 4.62 8.07
CA HIS B 152 -14.95 4.36 9.50
C HIS B 152 -14.51 5.66 10.18
N GLU B 153 -13.47 6.29 9.65
CA GLU B 153 -13.00 7.56 10.23
C GLU B 153 -14.10 8.63 10.14
N MET B 154 -14.88 8.62 9.06
CA MET B 154 -15.97 9.57 8.90
C MET B 154 -17.02 9.22 9.94
N GLY B 155 -17.11 7.94 10.25
CA GLY B 155 -18.07 7.51 11.27
C GLY B 155 -17.71 8.19 12.59
N HIS B 156 -16.46 8.00 13.04
CA HIS B 156 -16.02 8.60 14.29
C HIS B 156 -16.37 10.09 14.27
N ASN B 157 -16.08 10.77 13.15
CA ASN B 157 -16.40 12.20 13.03
C ASN B 157 -17.90 12.41 13.28
N LEU B 158 -18.70 11.41 12.90
CA LEU B 158 -20.14 11.49 13.05
C LEU B 158 -20.63 10.91 14.38
N GLY B 159 -19.76 10.90 15.38
CA GLY B 159 -20.15 10.43 16.70
C GLY B 159 -20.14 8.95 17.03
N MET B 160 -19.83 8.12 16.07
CA MET B 160 -19.82 6.67 16.26
C MET B 160 -18.56 6.17 16.96
N ASP B 161 -18.73 5.13 17.79
CA ASP B 161 -17.62 4.51 18.51
C ASP B 161 -17.44 3.07 18.00
N HIS B 162 -16.29 2.49 18.28
CA HIS B 162 -16.02 1.13 17.83
C HIS B 162 -17.13 0.19 18.26
N ASP B 163 -17.34 -0.88 17.51
CA ASP B 163 -18.37 -1.85 17.87
C ASP B 163 -17.81 -2.76 18.92
N LYS B 164 -18.60 -3.05 19.95
CA LYS B 164 -18.11 -3.95 20.97
C LYS B 164 -19.05 -5.15 21.12
N ASP B 165 -18.81 -5.96 22.14
CA ASP B 165 -19.58 -7.17 22.42
C ASP B 165 -20.79 -7.53 21.56
N THR B 166 -21.96 -7.13 22.04
CA THR B 166 -23.23 -7.44 21.42
C THR B 166 -23.50 -6.90 19.99
N CYS B 167 -23.03 -5.69 19.69
CA CYS B 167 -23.21 -5.06 18.39
C CYS B 167 -22.99 -5.99 17.19
N THR B 168 -23.95 -5.97 16.27
CA THR B 168 -23.92 -6.81 15.08
C THR B 168 -24.63 -6.07 13.95
N CYS B 169 -24.49 -6.59 12.75
CA CYS B 169 -25.12 -6.02 11.58
C CYS B 169 -25.41 -7.18 10.63
N GLY B 170 -25.10 -8.37 11.11
CA GLY B 170 -25.31 -9.57 10.31
C GLY B 170 -24.20 -10.55 10.64
N THR B 171 -23.90 -11.45 9.72
CA THR B 171 -22.85 -12.45 9.94
C THR B 171 -21.43 -11.92 9.72
N ARG B 172 -21.31 -10.67 9.27
CA ARG B 172 -19.99 -10.08 9.01
C ARG B 172 -19.71 -8.77 9.76
N PRO B 173 -18.42 -8.42 9.91
CA PRO B 173 -18.00 -7.19 10.61
C PRO B 173 -18.63 -5.93 10.01
N CYS B 174 -18.89 -4.94 10.85
CA CYS B 174 -19.50 -3.69 10.40
C CYS B 174 -18.47 -2.56 10.32
N VAL B 175 -18.81 -1.56 9.51
CA VAL B 175 -17.94 -0.41 9.31
C VAL B 175 -17.17 0.00 10.55
N MET B 176 -17.89 0.15 11.67
CA MET B 176 -17.28 0.58 12.93
C MET B 176 -16.58 -0.49 13.75
N ALA B 177 -16.22 -1.60 13.11
CA ALA B 177 -15.49 -2.65 13.82
C ALA B 177 -14.17 -2.04 14.32
N GLY B 178 -13.63 -2.60 15.41
CA GLY B 178 -12.41 -2.08 15.97
C GLY B 178 -11.15 -2.25 15.13
N ALA B 179 -11.06 -3.31 14.33
CA ALA B 179 -9.87 -3.52 13.54
C ALA B 179 -10.11 -3.82 12.05
N LEU B 180 -9.02 -3.94 11.31
CA LEU B 180 -9.07 -4.24 9.89
C LEU B 180 -9.36 -5.71 9.64
N SER B 181 -10.48 -5.98 8.97
CA SER B 181 -10.89 -7.34 8.66
C SER B 181 -11.30 -7.34 7.19
N CYS B 182 -10.61 -8.11 6.37
CA CYS B 182 -10.90 -8.14 4.96
C CYS B 182 -12.31 -8.64 4.61
N GLU B 183 -13.04 -9.10 5.62
CA GLU B 183 -14.40 -9.57 5.41
C GLU B 183 -15.36 -8.45 5.77
N ALA B 184 -14.82 -7.29 6.14
CA ALA B 184 -15.63 -6.13 6.51
C ALA B 184 -16.76 -5.86 5.50
N SER B 185 -17.97 -5.64 6.01
CA SER B 185 -19.11 -5.37 5.16
C SER B 185 -19.31 -3.88 5.07
N PHE B 186 -20.32 -3.48 4.30
CA PHE B 186 -20.63 -2.08 4.12
C PHE B 186 -21.70 -1.60 5.07
N LEU B 187 -22.12 -2.46 6.00
CA LEU B 187 -23.18 -2.11 6.94
C LEU B 187 -22.77 -1.53 8.29
N PHE B 188 -23.65 -0.70 8.84
CA PHE B 188 -23.42 -0.13 10.14
C PHE B 188 -24.26 -0.96 11.11
N SER B 189 -23.72 -1.20 12.28
CA SER B 189 -24.39 -1.98 13.30
C SER B 189 -25.47 -1.14 13.98
N ASP B 190 -26.33 -1.82 14.74
CA ASP B 190 -27.38 -1.15 15.49
C ASP B 190 -26.75 -0.12 16.44
N CYS B 191 -25.67 -0.52 17.11
CA CYS B 191 -25.00 0.40 18.01
C CYS B 191 -24.63 1.69 17.31
N SER B 192 -23.96 1.58 16.16
CA SER B 192 -23.56 2.76 15.40
C SER B 192 -24.80 3.55 15.06
N GLN B 193 -25.85 2.85 14.64
CA GLN B 193 -27.13 3.47 14.31
C GLN B 193 -27.53 4.40 15.44
N LYS B 194 -27.54 3.82 16.64
CA LYS B 194 -27.93 4.49 17.88
C LYS B 194 -27.02 5.63 18.31
N ASP B 195 -25.76 5.29 18.62
CA ASP B 195 -24.80 6.29 19.07
C ASP B 195 -24.84 7.48 18.11
N HIS B 196 -24.94 7.21 16.82
CA HIS B 196 -25.00 8.32 15.86
C HIS B 196 -26.29 9.10 16.01
N ARG B 197 -27.40 8.40 16.23
CA ARG B 197 -28.69 9.06 16.39
C ARG B 197 -28.59 10.03 17.56
N GLU B 198 -28.20 9.48 18.70
CA GLU B 198 -28.03 10.27 19.92
C GLU B 198 -27.14 11.47 19.65
N PHE B 199 -25.99 11.23 19.02
CA PHE B 199 -25.05 12.29 18.71
C PHE B 199 -25.68 13.47 17.96
N LEU B 200 -26.47 13.20 16.92
CA LEU B 200 -27.10 14.30 16.19
C LEU B 200 -28.12 15.02 17.07
N ILE B 201 -28.77 14.26 17.94
CA ILE B 201 -29.76 14.80 18.85
C ILE B 201 -29.13 15.79 19.83
N LYS B 202 -27.91 15.47 20.26
CA LYS B 202 -27.20 16.30 21.22
C LYS B 202 -26.50 17.54 20.64
N ASN B 203 -26.12 17.51 19.37
CA ASN B 203 -25.38 18.63 18.78
C ASN B 203 -25.95 19.28 17.53
N MET B 204 -26.88 18.61 16.86
CA MET B 204 -27.50 19.14 15.65
C MET B 204 -26.56 19.96 14.74
N PRO B 205 -25.47 19.35 14.25
CA PRO B 205 -24.54 20.08 13.39
C PRO B 205 -25.21 20.64 12.13
N GLN B 206 -25.36 21.97 12.08
CA GLN B 206 -26.02 22.68 10.98
C GLN B 206 -25.51 22.50 9.55
N CYS B 207 -24.20 22.36 9.39
CA CYS B 207 -23.62 22.25 8.06
C CYS B 207 -24.02 21.03 7.23
N ILE B 208 -24.52 19.97 7.85
CA ILE B 208 -24.92 18.79 7.08
C ILE B 208 -26.35 18.87 6.55
N LEU B 209 -26.95 20.06 6.58
CA LEU B 209 -28.30 20.21 6.07
C LEU B 209 -28.25 20.88 4.69
N LYS B 210 -27.11 21.48 4.37
CA LYS B 210 -26.98 22.17 3.10
C LYS B 210 -26.64 21.26 1.90
N LYS B 211 -27.60 21.08 1.00
CA LYS B 211 -27.39 20.26 -0.18
C LYS B 211 -26.47 21.02 -1.14
N PRO B 212 -25.40 20.38 -1.60
CA PRO B 212 -24.50 21.08 -2.51
C PRO B 212 -25.09 21.26 -3.91
N LEU B 213 -24.74 22.35 -4.57
CA LEU B 213 -25.24 22.57 -5.92
C LEU B 213 -24.72 21.41 -6.78
N LYS B 214 -25.51 20.98 -7.75
CA LYS B 214 -25.06 19.88 -8.58
C LYS B 214 -23.77 20.24 -9.31
N THR B 215 -23.38 21.51 -9.26
CA THR B 215 -22.16 21.97 -9.91
C THR B 215 -20.96 22.06 -8.96
N ASP B 216 -21.20 21.90 -7.66
CA ASP B 216 -20.11 21.95 -6.69
C ASP B 216 -19.48 20.57 -6.45
N VAL B 217 -20.17 19.53 -6.93
CA VAL B 217 -19.74 18.15 -6.79
C VAL B 217 -18.79 17.83 -7.92
N VAL B 218 -17.53 17.60 -7.57
CA VAL B 218 -16.49 17.34 -8.56
C VAL B 218 -16.27 15.90 -9.02
N SER B 219 -16.90 14.94 -8.38
CA SER B 219 -16.73 13.55 -8.80
C SER B 219 -17.63 13.27 -10.00
N PRO B 220 -17.22 12.33 -10.86
CA PRO B 220 -17.99 11.97 -12.03
C PRO B 220 -19.42 11.58 -11.63
N ALA B 221 -20.37 11.90 -12.50
CA ALA B 221 -21.76 11.59 -12.23
C ALA B 221 -21.96 10.09 -12.10
N VAL B 222 -22.76 9.68 -11.14
CA VAL B 222 -23.08 8.27 -10.94
C VAL B 222 -24.61 8.16 -10.99
N CYS B 223 -25.13 7.56 -12.05
CA CYS B 223 -26.57 7.41 -12.17
C CYS B 223 -27.08 6.35 -11.20
N GLY B 224 -27.99 6.73 -10.33
CA GLY B 224 -28.55 5.79 -9.37
C GLY B 224 -28.03 5.91 -7.95
N ASN B 225 -27.30 6.98 -7.65
CA ASN B 225 -26.77 7.19 -6.31
C ASN B 225 -27.65 8.18 -5.53
N TYR B 226 -28.91 8.29 -5.94
CA TYR B 226 -29.86 9.17 -5.26
C TYR B 226 -29.51 10.65 -5.20
N PHE B 227 -28.65 11.12 -6.09
CA PHE B 227 -28.30 12.54 -6.12
C PHE B 227 -28.16 13.04 -7.55
N VAL B 228 -28.88 14.10 -7.88
CA VAL B 228 -28.79 14.65 -9.24
C VAL B 228 -27.48 15.40 -9.42
N GLU B 229 -26.70 14.92 -10.37
CA GLU B 229 -25.41 15.53 -10.66
C GLU B 229 -25.39 16.06 -12.10
N VAL B 230 -24.37 16.88 -12.38
CA VAL B 230 -24.20 17.42 -13.70
C VAL B 230 -24.30 16.28 -14.71
N GLY B 231 -25.15 16.47 -15.73
CA GLY B 231 -25.33 15.45 -16.75
C GLY B 231 -26.56 14.61 -16.48
N GLU B 232 -27.25 14.90 -15.37
CA GLU B 232 -28.45 14.15 -14.98
C GLU B 232 -29.62 15.08 -14.72
N GLU B 233 -30.83 14.64 -15.05
CA GLU B 233 -32.02 15.45 -14.80
C GLU B 233 -32.69 14.97 -13.50
N CYS B 234 -32.50 13.70 -13.17
CA CYS B 234 -33.09 13.10 -11.96
C CYS B 234 -32.37 11.82 -11.59
N ASP B 235 -32.46 11.45 -10.33
CA ASP B 235 -31.85 10.23 -9.82
C ASP B 235 -32.76 9.68 -8.71
N CYS B 236 -33.41 8.56 -9.00
CA CYS B 236 -34.32 7.93 -8.05
C CYS B 236 -33.80 6.54 -7.68
N GLY B 237 -32.49 6.35 -7.78
CA GLY B 237 -31.90 5.05 -7.44
C GLY B 237 -31.89 4.12 -8.64
N SER B 238 -31.81 2.83 -8.38
CA SER B 238 -31.78 1.84 -9.44
C SER B 238 -33.17 1.65 -10.06
N PRO B 239 -33.25 0.94 -11.20
CA PRO B 239 -34.60 0.78 -11.74
C PRO B 239 -35.51 -0.04 -10.83
N ARG B 240 -34.94 -0.93 -10.02
CA ARG B 240 -35.78 -1.72 -9.16
C ARG B 240 -36.37 -0.94 -7.99
N THR B 241 -35.61 0.01 -7.45
CA THR B 241 -36.06 0.79 -6.31
C THR B 241 -36.65 2.14 -6.66
N CYS B 242 -36.48 2.55 -7.91
CA CYS B 242 -37.01 3.85 -8.32
C CYS B 242 -38.53 3.91 -8.21
N ARG B 243 -39.02 4.84 -7.39
CA ARG B 243 -40.45 4.99 -7.23
C ARG B 243 -40.96 6.24 -7.94
N ASP B 244 -40.05 7.00 -8.53
CA ASP B 244 -40.42 8.22 -9.22
C ASP B 244 -40.85 7.96 -10.67
N PRO B 245 -42.15 8.10 -10.95
CA PRO B 245 -42.71 7.87 -12.29
C PRO B 245 -42.28 8.91 -13.34
N CYS B 246 -41.66 9.99 -12.89
CA CYS B 246 -41.20 11.04 -13.80
C CYS B 246 -39.75 10.77 -14.25
N CYS B 247 -39.08 9.84 -13.55
CA CYS B 247 -37.70 9.55 -13.83
C CYS B 247 -37.42 8.20 -14.46
N ASP B 248 -36.61 8.21 -15.51
CA ASP B 248 -36.22 6.96 -16.15
C ASP B 248 -34.94 6.62 -15.42
N ALA B 249 -35.06 5.74 -14.43
CA ALA B 249 -33.95 5.31 -13.59
C ALA B 249 -32.73 4.83 -14.36
N THR B 250 -32.97 4.22 -15.51
CA THR B 250 -31.88 3.70 -16.33
C THR B 250 -30.95 4.77 -16.87
N THR B 251 -31.49 5.93 -17.21
CA THR B 251 -30.68 6.98 -17.79
C THR B 251 -30.52 8.23 -16.94
N CYS B 252 -31.23 8.30 -15.83
CA CYS B 252 -31.20 9.49 -14.98
C CYS B 252 -31.65 10.74 -15.78
N LYS B 253 -32.59 10.50 -16.68
CA LYS B 253 -33.19 11.56 -17.51
C LYS B 253 -34.70 11.53 -17.25
N LEU B 254 -35.34 12.69 -17.42
CA LEU B 254 -36.78 12.76 -17.23
C LEU B 254 -37.41 11.93 -18.34
N ARG B 255 -38.48 11.20 -18.02
CA ARG B 255 -39.13 10.38 -19.03
C ARG B 255 -39.82 11.35 -20.01
N GLN B 256 -40.18 10.87 -21.19
CA GLN B 256 -40.82 11.74 -22.18
C GLN B 256 -42.03 12.50 -21.63
N GLY B 257 -42.08 13.80 -21.92
CA GLY B 257 -43.19 14.62 -21.45
C GLY B 257 -43.06 15.20 -20.05
N ALA B 258 -42.03 14.81 -19.32
CA ALA B 258 -41.83 15.32 -17.96
C ALA B 258 -40.97 16.58 -17.95
N GLN B 259 -41.39 17.57 -17.16
CA GLN B 259 -40.67 18.84 -17.03
C GLN B 259 -39.81 18.83 -15.77
N CYS B 260 -40.22 18.04 -14.79
CA CYS B 260 -39.52 17.94 -13.51
C CYS B 260 -39.81 16.60 -12.88
N ALA B 261 -39.12 16.29 -11.79
CA ALA B 261 -39.31 15.01 -11.10
C ALA B 261 -39.57 15.21 -9.60
N GLU B 262 -38.86 16.16 -9.02
CA GLU B 262 -39.01 16.45 -7.61
C GLU B 262 -39.09 17.94 -7.38
N GLY B 263 -39.53 18.30 -6.18
CA GLY B 263 -39.67 19.70 -5.83
C GLY B 263 -41.07 19.92 -5.33
N LEU B 264 -41.23 20.95 -4.51
CA LEU B 264 -42.53 21.28 -3.98
C LEU B 264 -43.30 21.99 -5.09
N CYS B 265 -42.62 22.23 -6.20
CA CYS B 265 -43.25 22.90 -7.33
C CYS B 265 -43.45 21.99 -8.51
N CYS B 266 -43.29 20.70 -8.29
CA CYS B 266 -43.49 19.74 -9.35
C CYS B 266 -44.71 18.93 -8.96
N ASP B 267 -45.44 18.48 -9.96
CA ASP B 267 -46.64 17.71 -9.73
C ASP B 267 -46.92 16.83 -10.93
N GLN B 268 -46.85 15.52 -10.73
CA GLN B 268 -47.09 14.54 -11.80
C GLN B 268 -46.21 14.83 -13.02
N CYS B 269 -44.95 15.16 -12.76
CA CYS B 269 -43.98 15.44 -13.80
C CYS B 269 -44.16 16.80 -14.48
N ARG B 270 -45.03 17.64 -13.94
CA ARG B 270 -45.24 18.98 -14.54
C ARG B 270 -45.11 20.06 -13.47
N PHE B 271 -44.66 21.25 -13.87
CA PHE B 271 -44.52 22.36 -12.94
C PHE B 271 -45.88 22.70 -12.34
N LYS B 272 -45.91 23.12 -11.08
CA LYS B 272 -47.17 23.51 -10.46
C LYS B 272 -47.47 24.92 -10.96
N GLY B 273 -48.76 25.23 -11.08
CA GLY B 273 -49.18 26.53 -11.56
C GLY B 273 -48.67 27.75 -10.82
N ALA B 274 -48.19 28.72 -11.59
CA ALA B 274 -47.69 29.96 -11.01
C ALA B 274 -48.75 30.52 -10.09
N GLY B 275 -48.50 30.42 -8.78
CA GLY B 275 -49.45 30.93 -7.81
C GLY B 275 -49.62 29.94 -6.68
N THR B 276 -49.55 28.66 -7.01
CA THR B 276 -49.71 27.61 -6.02
C THR B 276 -48.74 27.79 -4.85
N GLU B 277 -49.14 27.29 -3.69
CA GLU B 277 -48.30 27.38 -2.50
C GLU B 277 -47.56 26.05 -2.32
N CYS B 278 -46.26 26.11 -2.09
CA CYS B 278 -45.50 24.89 -1.91
C CYS B 278 -45.11 24.60 -0.46
N ARG B 279 -44.40 25.54 0.19
CA ARG B 279 -44.02 25.35 1.58
C ARG B 279 -44.75 26.35 2.47
N ALA B 280 -45.35 25.85 3.54
CA ALA B 280 -46.09 26.71 4.47
C ALA B 280 -45.14 27.22 5.56
N ALA B 281 -45.44 28.39 6.10
CA ALA B 281 -44.61 28.98 7.14
C ALA B 281 -44.36 27.97 8.28
N LYS B 282 -43.11 27.90 8.75
CA LYS B 282 -42.74 26.99 9.82
C LYS B 282 -42.89 27.66 11.19
N ASP B 283 -42.61 28.96 11.22
CA ASP B 283 -42.72 29.74 12.46
C ASP B 283 -43.34 31.11 12.19
N GLU B 284 -43.32 31.95 13.21
CA GLU B 284 -43.87 33.30 13.15
C GLU B 284 -43.11 34.19 12.15
N CYS B 285 -41.81 33.92 11.97
CA CYS B 285 -40.97 34.71 11.07
C CYS B 285 -40.84 34.18 9.66
N ASP B 286 -41.27 32.94 9.44
CA ASP B 286 -41.21 32.34 8.11
C ASP B 286 -42.51 32.68 7.37
N MET B 287 -42.47 32.66 6.06
CA MET B 287 -43.65 32.95 5.24
C MET B 287 -43.87 31.84 4.21
N ALA B 288 -45.12 31.41 4.03
CA ALA B 288 -45.45 30.37 3.05
C ALA B 288 -45.06 30.79 1.64
N ASP B 289 -44.41 29.88 0.91
CA ASP B 289 -43.92 30.14 -0.44
C ASP B 289 -44.82 29.71 -1.58
N VAL B 290 -44.48 30.20 -2.79
CA VAL B 290 -45.25 29.94 -4.00
C VAL B 290 -44.36 29.51 -5.17
N CYS B 291 -44.98 28.93 -6.20
CA CYS B 291 -44.27 28.48 -7.41
C CYS B 291 -44.41 29.51 -8.53
N THR B 292 -43.34 29.68 -9.31
CA THR B 292 -43.37 30.63 -10.42
C THR B 292 -43.95 30.03 -11.69
N GLY B 293 -44.38 28.78 -11.61
CA GLY B 293 -44.96 28.12 -12.76
C GLY B 293 -43.92 27.80 -13.82
N ARG B 294 -42.76 28.45 -13.70
CA ARG B 294 -41.66 28.24 -14.64
C ARG B 294 -40.57 27.31 -14.07
N SER B 295 -40.24 27.49 -12.80
CA SER B 295 -39.20 26.68 -12.17
C SER B 295 -39.80 25.46 -11.45
N ALA B 296 -38.95 24.53 -11.07
CA ALA B 296 -39.41 23.33 -10.39
C ALA B 296 -39.15 23.45 -8.90
N GLU B 297 -38.45 24.51 -8.52
CA GLU B 297 -38.11 24.72 -7.12
C GLU B 297 -38.98 25.73 -6.41
N CYS B 298 -38.90 25.69 -5.09
CA CYS B 298 -39.68 26.54 -4.21
C CYS B 298 -38.75 27.39 -3.35
N THR B 299 -38.59 28.67 -3.71
CA THR B 299 -37.71 29.56 -2.96
C THR B 299 -38.28 29.88 -1.58
N ASP B 300 -37.50 29.65 -0.53
CA ASP B 300 -37.96 29.90 0.83
C ASP B 300 -37.97 31.39 1.19
N ARG B 301 -39.10 32.05 0.94
CA ARG B 301 -39.27 33.48 1.24
C ARG B 301 -39.62 33.62 2.72
N PHE B 302 -39.15 34.69 3.34
CA PHE B 302 -39.40 34.93 4.75
C PHE B 302 -40.29 36.15 5.00
N GLN B 303 -40.83 36.25 6.21
CA GLN B 303 -41.65 37.40 6.58
C GLN B 303 -40.74 38.60 6.63
N ARG B 304 -41.14 39.70 5.99
CA ARG B 304 -40.34 40.92 5.96
C ARG B 304 -39.69 41.25 7.32
N ASN B 305 -38.39 41.55 7.29
CA ASN B 305 -37.61 41.88 8.50
C ASN B 305 -38.15 43.06 9.30
N GLY B 306 -38.21 42.88 10.62
CA GLY B 306 -38.70 43.91 11.52
C GLY B 306 -40.06 43.53 12.07
N GLN B 307 -40.51 42.33 11.70
CA GLN B 307 -41.79 41.83 12.15
C GLN B 307 -41.68 41.47 13.64
N PRO B 308 -42.54 42.07 14.48
CA PRO B 308 -42.45 41.73 15.90
C PRO B 308 -42.54 40.22 16.10
N CYS B 309 -41.67 39.66 16.95
CA CYS B 309 -41.66 38.22 17.19
C CYS B 309 -41.34 37.83 18.63
N LYS B 310 -41.46 36.55 18.93
CA LYS B 310 -41.18 36.03 20.27
C LYS B 310 -41.76 36.89 21.40
N ASN B 311 -43.08 37.09 21.36
CA ASN B 311 -43.79 37.90 22.35
C ASN B 311 -43.23 39.31 22.45
N ASN B 312 -43.01 39.95 21.29
CA ASN B 312 -42.48 41.30 21.26
C ASN B 312 -41.16 41.47 22.02
N ASN B 313 -40.26 40.50 21.85
CA ASN B 313 -38.95 40.55 22.49
C ASN B 313 -37.88 40.70 21.42
N GLY B 314 -38.32 40.78 20.17
CA GLY B 314 -37.43 40.93 19.04
C GLY B 314 -38.18 41.19 17.74
N TYR B 315 -37.46 41.12 16.63
CA TYR B 315 -38.06 41.35 15.32
C TYR B 315 -37.45 40.40 14.31
N CYS B 316 -38.28 39.95 13.37
CA CYS B 316 -37.83 39.02 12.34
C CYS B 316 -36.67 39.58 11.54
N TYR B 317 -35.66 38.75 11.38
CA TYR B 317 -34.50 39.15 10.60
C TYR B 317 -34.09 37.98 9.71
N ASN B 318 -34.61 37.99 8.48
CA ASN B 318 -34.30 36.94 7.52
C ASN B 318 -34.75 35.56 7.99
N GLY B 319 -35.99 35.45 8.46
CA GLY B 319 -36.49 34.17 8.90
C GLY B 319 -36.28 33.80 10.35
N LYS B 320 -35.36 34.49 11.03
CA LYS B 320 -35.11 34.21 12.43
C LYS B 320 -35.49 35.39 13.32
N CYS B 321 -35.49 35.16 14.63
CA CYS B 321 -35.84 36.21 15.59
C CYS B 321 -34.72 36.40 16.63
N PRO B 322 -33.67 37.16 16.27
CA PRO B 322 -32.54 37.42 17.16
C PRO B 322 -32.92 38.15 18.46
N ILE B 323 -32.61 37.51 19.59
CA ILE B 323 -32.92 38.05 20.92
C ILE B 323 -31.69 38.09 21.80
N MET B 324 -31.46 39.23 22.45
CA MET B 324 -30.28 39.35 23.31
C MET B 324 -30.21 38.23 24.32
N ALA B 325 -31.35 37.90 24.91
CA ALA B 325 -31.41 36.84 25.91
C ALA B 325 -30.88 35.51 25.36
N ASP B 326 -31.33 35.13 24.16
CA ASP B 326 -30.88 33.87 23.53
C ASP B 326 -29.37 33.96 23.27
N GLN B 327 -28.93 35.12 22.79
CA GLN B 327 -27.52 35.31 22.50
C GLN B 327 -26.69 35.05 23.76
N CYS B 328 -27.12 35.63 24.89
CA CYS B 328 -26.43 35.46 26.16
C CYS B 328 -26.36 33.99 26.61
N ILE B 329 -27.50 33.31 26.61
CA ILE B 329 -27.54 31.91 27.04
C ILE B 329 -26.74 31.06 26.06
N ALA B 330 -26.61 31.55 24.83
CA ALA B 330 -25.85 30.84 23.81
C ALA B 330 -24.34 31.03 23.98
N LEU B 331 -23.96 32.16 24.56
CA LEU B 331 -22.55 32.47 24.76
C LEU B 331 -21.99 31.97 26.08
N PHE B 332 -22.80 32.03 27.14
CA PHE B 332 -22.33 31.61 28.46
C PHE B 332 -23.13 30.45 29.06
N GLY B 333 -23.88 29.75 28.23
CA GLY B 333 -24.68 28.64 28.72
C GLY B 333 -25.98 29.01 29.42
N PRO B 334 -26.79 27.99 29.76
CA PRO B 334 -28.08 28.10 30.44
C PRO B 334 -28.08 28.98 31.69
N GLY B 335 -29.17 29.70 31.90
CA GLY B 335 -29.26 30.55 33.07
C GLY B 335 -28.78 31.98 32.86
N ALA B 336 -27.95 32.21 31.84
CA ALA B 336 -27.43 33.54 31.55
C ALA B 336 -28.54 34.56 31.23
N THR B 337 -28.31 35.82 31.59
CA THR B 337 -29.29 36.88 31.33
C THR B 337 -28.61 38.14 30.79
N VAL B 338 -29.37 38.96 30.08
CA VAL B 338 -28.83 40.19 29.53
C VAL B 338 -28.45 41.16 30.65
N SER B 339 -27.25 41.73 30.55
CA SER B 339 -26.79 42.69 31.54
C SER B 339 -27.69 43.93 31.51
N GLN B 340 -27.76 44.61 32.66
CA GLN B 340 -28.53 45.84 32.80
C GLN B 340 -28.06 46.80 31.71
N ASP B 341 -28.87 47.80 31.38
CA ASP B 341 -28.52 48.75 30.32
C ASP B 341 -27.25 49.57 30.53
N ALA B 342 -26.99 49.99 31.76
CA ALA B 342 -25.80 50.79 32.06
C ALA B 342 -24.52 50.15 31.51
N CYS B 343 -24.48 48.83 31.50
CA CYS B 343 -23.32 48.09 31.01
C CYS B 343 -22.97 48.36 29.54
N PHE B 344 -23.98 48.65 28.73
CA PHE B 344 -23.69 48.92 27.33
C PHE B 344 -22.95 50.22 27.08
N GLN B 345 -22.86 51.07 28.11
CA GLN B 345 -22.13 52.31 27.99
C GLN B 345 -20.66 51.97 27.69
N PHE B 346 -20.25 50.75 28.03
CA PHE B 346 -18.89 50.33 27.76
C PHE B 346 -18.59 50.26 26.26
N ASN B 347 -19.62 50.33 25.44
CA ASN B 347 -19.43 50.28 24.00
C ASN B 347 -19.04 51.66 23.48
N ARG B 348 -19.21 52.67 24.32
CA ARG B 348 -18.90 54.04 23.96
C ARG B 348 -17.40 54.33 23.96
N GLU B 349 -16.60 53.33 24.32
CA GLU B 349 -15.15 53.50 24.40
C GLU B 349 -14.41 53.24 23.09
N GLY B 350 -14.97 52.37 22.24
CA GLY B 350 -14.31 52.06 20.99
C GLY B 350 -12.91 51.59 21.29
N ASN B 351 -12.72 51.13 22.52
CA ASN B 351 -11.40 50.65 22.98
C ASN B 351 -10.85 49.37 22.38
N HIS B 352 -11.22 48.23 22.96
CA HIS B 352 -10.74 46.93 22.52
C HIS B 352 -11.93 46.00 22.28
N TYR B 353 -12.74 45.79 23.32
CA TYR B 353 -13.93 44.92 23.24
C TYR B 353 -15.20 45.74 23.03
N GLY B 354 -15.20 46.97 23.53
CA GLY B 354 -16.36 47.82 23.41
C GLY B 354 -16.33 48.82 22.28
N TYR B 355 -17.06 48.52 21.22
CA TYR B 355 -17.13 49.40 20.06
C TYR B 355 -18.37 48.98 19.26
N CYS B 356 -18.70 49.76 18.24
CA CYS B 356 -19.88 49.48 17.42
C CYS B 356 -19.64 48.68 16.15
N ARG B 357 -18.71 49.13 15.31
CA ARG B 357 -18.40 48.44 14.06
C ARG B 357 -16.94 48.59 13.64
N LYS B 358 -16.60 48.03 12.49
CA LYS B 358 -15.24 48.11 11.96
C LYS B 358 -15.18 48.67 10.53
N GLU B 359 -14.51 49.81 10.36
CA GLU B 359 -14.36 50.40 9.02
C GLU B 359 -13.63 49.41 8.14
N GLN B 360 -12.33 49.22 8.40
CA GLN B 360 -11.53 48.27 7.66
C GLN B 360 -11.14 47.21 8.69
N ASN B 361 -10.33 47.64 9.65
CA ASN B 361 -9.91 46.78 10.75
C ASN B 361 -9.94 47.70 11.96
N THR B 362 -10.18 48.98 11.67
CA THR B 362 -10.25 50.02 12.69
C THR B 362 -11.65 50.01 13.34
N LYS B 363 -11.68 49.96 14.67
CA LYS B 363 -12.92 49.93 15.44
C LYS B 363 -13.55 51.29 15.65
N ILE B 364 -14.85 51.38 15.45
CA ILE B 364 -15.55 52.63 15.65
C ILE B 364 -16.34 52.57 16.94
N ALA B 365 -16.31 53.65 17.71
CA ALA B 365 -17.05 53.68 18.97
C ALA B 365 -18.55 53.85 18.74
N CYS B 366 -19.35 53.33 19.66
CA CYS B 366 -20.80 53.44 19.55
C CYS B 366 -21.29 54.83 19.97
N GLU B 367 -22.05 55.49 19.10
CA GLU B 367 -22.60 56.78 19.48
C GLU B 367 -23.62 56.46 20.57
N PRO B 368 -23.82 57.40 21.52
CA PRO B 368 -24.76 57.25 22.64
C PRO B 368 -26.04 56.45 22.37
N GLN B 369 -26.58 56.56 21.16
CA GLN B 369 -27.81 55.87 20.80
C GLN B 369 -27.62 54.45 20.25
N ASP B 370 -26.37 54.09 19.94
CA ASP B 370 -26.05 52.77 19.39
C ASP B 370 -25.38 51.78 20.34
N VAL B 371 -25.30 52.11 21.62
CA VAL B 371 -24.63 51.22 22.56
C VAL B 371 -25.25 49.82 22.63
N LYS B 372 -26.53 49.71 22.34
CA LYS B 372 -27.19 48.41 22.38
C LYS B 372 -26.85 47.55 21.15
N CYS B 373 -25.99 48.07 20.26
CA CYS B 373 -25.60 47.35 19.05
C CYS B 373 -24.13 46.97 18.93
N GLY B 374 -23.33 47.33 19.93
CA GLY B 374 -21.93 46.98 19.89
C GLY B 374 -21.74 45.64 20.59
N ARG B 375 -20.78 45.58 21.49
CA ARG B 375 -20.54 44.34 22.21
C ARG B 375 -21.77 44.05 23.08
N LEU B 376 -22.11 42.76 23.21
CA LEU B 376 -23.23 42.34 24.03
C LEU B 376 -22.75 42.15 25.46
N TYR B 377 -23.58 42.51 26.44
CA TYR B 377 -23.20 42.33 27.84
C TYR B 377 -24.18 41.39 28.53
N CYS B 378 -23.62 40.40 29.21
CA CYS B 378 -24.45 39.43 29.90
C CYS B 378 -24.05 39.31 31.35
N PHE B 379 -24.86 38.55 32.06
CA PHE B 379 -24.65 38.31 33.46
C PHE B 379 -24.57 36.82 33.69
N PRO B 380 -23.35 36.26 33.78
CA PRO B 380 -23.32 34.81 34.02
C PRO B 380 -24.08 34.66 35.34
N ASN B 381 -25.36 34.40 35.18
CA ASN B 381 -26.36 34.31 36.24
C ASN B 381 -26.21 33.74 37.63
N SER B 382 -25.07 33.16 37.97
CA SER B 382 -24.93 32.68 39.34
C SER B 382 -25.40 33.90 40.14
N PRO B 383 -26.56 33.81 40.83
CA PRO B 383 -27.05 34.95 41.60
C PRO B 383 -25.94 35.71 42.33
N GLU B 384 -24.83 35.01 42.54
CA GLU B 384 -23.63 35.55 43.21
C GLU B 384 -22.91 36.57 42.32
N ASN B 385 -22.35 36.10 41.21
CA ASN B 385 -21.61 36.94 40.26
C ASN B 385 -21.79 38.44 40.52
N LYS B 386 -20.83 39.03 41.21
CA LYS B 386 -20.86 40.45 41.55
C LYS B 386 -20.78 41.41 40.36
N ASN B 387 -19.87 41.13 39.43
CA ASN B 387 -19.68 41.96 38.24
C ASN B 387 -20.92 41.90 37.35
N PRO B 388 -21.62 43.04 37.18
CA PRO B 388 -22.83 43.07 36.34
C PRO B 388 -22.61 42.98 34.82
N CYS B 389 -21.42 43.33 34.36
CA CYS B 389 -21.11 43.30 32.93
C CYS B 389 -20.07 42.24 32.56
N ASN B 390 -20.42 41.43 31.56
CA ASN B 390 -19.57 40.36 31.08
C ASN B 390 -19.79 40.18 29.58
N ILE B 391 -18.67 40.06 28.87
CA ILE B 391 -18.68 39.90 27.43
C ILE B 391 -18.02 38.60 27.00
N TYR B 392 -18.34 38.17 25.78
CA TYR B 392 -17.76 36.98 25.17
C TYR B 392 -16.87 37.51 24.08
N TYR B 393 -15.56 37.39 24.25
CA TYR B 393 -14.60 37.89 23.28
C TYR B 393 -13.68 36.82 22.73
N SER B 394 -13.25 37.00 21.48
CA SER B 394 -12.31 36.08 20.84
C SER B 394 -11.26 36.83 20.03
N PRO B 395 -9.99 36.51 20.26
CA PRO B 395 -8.89 37.16 19.55
C PRO B 395 -8.92 36.83 18.05
N ASN B 396 -9.26 35.58 17.73
CA ASN B 396 -9.32 35.10 16.35
C ASN B 396 -10.36 35.80 15.50
N ASP B 397 -11.50 36.11 16.11
CA ASP B 397 -12.60 36.78 15.41
C ASP B 397 -13.33 37.69 16.39
N GLU B 398 -13.04 38.99 16.31
CA GLU B 398 -13.64 39.96 17.20
C GLU B 398 -15.14 40.19 17.05
N ASP B 399 -15.73 39.73 15.95
CA ASP B 399 -17.18 39.91 15.76
C ASP B 399 -17.92 39.03 16.76
N LYS B 400 -17.40 37.82 16.99
CA LYS B 400 -18.01 36.89 17.92
C LYS B 400 -18.21 37.62 19.23
N GLY B 401 -19.45 37.63 19.72
CA GLY B 401 -19.73 38.31 20.98
C GLY B 401 -20.42 39.65 20.80
N MET B 402 -20.52 40.11 19.56
CA MET B 402 -21.19 41.36 19.25
C MET B 402 -22.68 41.07 19.10
N VAL B 403 -23.49 42.09 19.29
CA VAL B 403 -24.93 41.97 19.17
C VAL B 403 -25.25 41.62 17.71
N LEU B 404 -25.87 40.47 17.52
CA LEU B 404 -26.25 39.97 16.20
C LEU B 404 -27.09 40.96 15.42
N PRO B 405 -26.86 41.08 14.09
CA PRO B 405 -27.67 42.04 13.32
C PRO B 405 -29.15 41.72 13.40
N GLY B 406 -29.97 42.76 13.33
CA GLY B 406 -31.40 42.58 13.39
C GLY B 406 -31.89 42.36 14.81
N THR B 407 -31.01 42.51 15.80
CA THR B 407 -31.43 42.33 17.18
C THR B 407 -32.20 43.55 17.69
N LYS B 408 -33.28 43.28 18.41
CA LYS B 408 -34.12 44.31 19.00
C LYS B 408 -33.31 45.08 20.04
N CYS B 409 -33.14 46.39 19.84
CA CYS B 409 -32.37 47.24 20.74
C CYS B 409 -33.24 48.34 21.34
N ALA B 410 -34.54 48.28 21.07
CA ALA B 410 -35.53 49.24 21.53
C ALA B 410 -36.86 48.96 20.82
N ASP B 411 -37.94 49.60 21.27
CA ASP B 411 -39.27 49.41 20.65
C ASP B 411 -39.20 49.81 19.17
N ARG B 412 -39.54 48.86 18.28
CA ARG B 412 -39.52 49.08 16.84
C ARG B 412 -38.14 49.48 16.34
N LYS B 413 -37.11 48.88 16.93
CA LYS B 413 -35.73 49.16 16.54
C LYS B 413 -34.83 47.92 16.59
N ALA B 414 -33.98 47.76 15.58
CA ALA B 414 -33.06 46.63 15.55
C ALA B 414 -31.72 47.06 14.99
N CYS B 415 -30.66 46.40 15.44
CA CYS B 415 -29.31 46.70 15.01
C CYS B 415 -29.11 46.34 13.54
N SER B 416 -28.45 47.23 12.80
CA SER B 416 -28.20 46.97 11.40
C SER B 416 -26.71 46.67 11.16
N ASN B 417 -25.87 47.69 11.30
CA ASN B 417 -24.43 47.50 11.12
C ASN B 417 -23.79 48.22 12.28
N GLY B 418 -24.13 47.78 13.49
CA GLY B 418 -23.60 48.40 14.68
C GLY B 418 -24.37 49.67 14.99
N GLN B 419 -25.64 49.72 14.59
CA GLN B 419 -26.50 50.88 14.81
C GLN B 419 -27.96 50.48 15.16
N CYS B 420 -28.56 51.18 16.11
CA CYS B 420 -29.94 50.87 16.49
C CYS B 420 -30.85 51.75 15.64
N VAL B 421 -31.43 51.17 14.60
CA VAL B 421 -32.32 51.92 13.71
C VAL B 421 -33.71 51.30 13.64
N ASP B 422 -34.70 52.16 13.39
CA ASP B 422 -36.09 51.74 13.32
C ASP B 422 -36.39 50.70 12.25
N VAL B 423 -37.24 49.75 12.62
CA VAL B 423 -37.64 48.71 11.68
C VAL B 423 -38.22 49.45 10.48
N THR B 424 -37.90 48.98 9.28
CA THR B 424 -38.42 49.62 8.08
C THR B 424 -39.78 49.01 7.76
N THR B 425 -40.52 48.68 8.82
CA THR B 425 -41.86 48.10 8.70
C THR B 425 -42.86 48.87 9.57
N PRO B 426 -44.18 48.67 9.34
CA PRO B 426 -45.22 49.36 10.12
C PRO B 426 -45.49 48.73 11.49
#